data_6EEN
#
_entry.id   6EEN
#
_cell.length_a   43.347
_cell.length_b   51.647
_cell.length_c   51.972
_cell.angle_alpha   118.120
_cell.angle_beta   97.210
_cell.angle_gamma   96.000
#
_symmetry.space_group_name_H-M   'P 1'
#
loop_
_entity.id
_entity.type
_entity.pdbx_description
1 polymer 'Designer Pentatricopeptide Protein dPPR10'
2 polymer 'Designer Pentatricopeptide Protein dPPR10'
3 polymer 'Designer Pentatricopeptide Protein dPPR10'
4 polymer 'Designer Pentatricopeptide Protein dPPR10'
5 polymer "RNA (5'-R(P*GP*GP*GP*GP*GP*GP*GP*GP*G)-3')"
6 polymer "RNA (5'-R(P*UP*UP*UP*UP*UP*UP*UP*UP*U)-3')"
7 polymer "RNA (5'-R(P*AP*AP*AP*AP*AP*AP*AP*AP*A)-3')"
8 polymer "RNA (5'-R(P*CP*CP*CP*CP*CP*CP*CP*CP*C)-3')"
9 water water
#
loop_
_entity_poly.entity_id
_entity_poly.type
_entity_poly.pdbx_seq_one_letter_code
_entity_poly.pdbx_strand_id
1 'polypeptide(L)'
;VVTYTTLIDGLAKAGRLEEALQLFQEMKEKGVKPDVVTYTTLIDGLAKAGRLEEALQLFQEMKEKGVKPDVVTYTTLIDG
LAKAGRLEEALQLFQEMKEKGVKPDVVTYTTLIDGLAKAGRLEEALQLFQEMKEKGVKPDVVTYTTLIDGLAKAGRLEEA
LQLFEEMKEKGVKPDVVTYTTLIDGLAKAGRLEEALQLFQEMKEKGVKPDVVTYTTLIDGLAKAGRLEEALQLFEEMKEK
GVKPDVVTYTTLIDGLAKAGRLEEALQLFEEMKEKGVKPDVVTYTTLIDGLAKAGRLEEALQLFQEMKEKGVKPD
;
A
2 'polypeptide(L)'
;VVTYNTLIDGLAKAGRLEEALQLFQEMKEKGVKPDVVTYNTLIDGLAKAGRLEEALQLFQEMKEKGVKPDVVTYNTLIDG
LAKAGRLEEALQLFQEMKEKGVKPDVVTYNTLIDGLAKAGRLEEALQLFQEMKEKGVKPDVVTYNTLIDGLAKAGRLEEA
LQLFEEMKEKGVKPDVVTYNTLIDGLAKAGRLEEALQLFQEMKEKGVKPDVVTYNTLIDGLAKAGRLEEALQLFEEMKEK
GVKPDVVTYNTLIDGLAKAGRLEEALQLFEEMKEKGVKPDVVTYNTLIDGLAKAGRLEEALQLFQEMKEKGVKPD
;
B
3 'polypeptide(L)'
;VVTYTTLIDGLAKAGRLEEALQLFQEMKEKGVKPNVVTYTTLIDGLAKAGRLEEALQLFQEMKEKGVKPNVVTYTTLIDG
LAKAGRLEEALQLFQEMKEKGVKPNVVTYTTLIDGLAKAGRLEEALQLFQEMKEKGVKPNVVTYTTLIDGLAKAGRLEEA
LQLFEEMKEKGVKPNVVTYTTLIDGLAKAGRLEEALQLFQEMKEKGVKPNVVTYTTLIDGLAKAGRLEEALQLFEEMKEK
GVKPNVVTYTTLIDGLAKAGRLEEALQLFEEMKEKGVKPNVVTYTTLIDGLAKAGRLEEALQLFQEMKEKGVKPN
;
C
4 'polypeptide(L)'
;VVTYNTLIDGLAKAGRLEEALQLFQEMKEKGVKPSVVTYNTLIDGLAKAGRLEEALQLFQEMKEKGVKPSVVTYNTLIDG
LAKAGRLEEALQLFQEMKEKGVKPSVVTYNTLIDGLAKAGRLEEALQLFQEMKEKGVKPSVVTYNTLIDGLAKAGRLEEA
LQLFEEMKEKGVKPSVVTYNTLIDGLAKAGRLEEALQLFQEMKEKGVKPSVVTYNTLIDGLAKAGRLEEALQLFEEMKEK
GVKPSVVTYNTLIDGLAKAGRLEEALQLFEEMKEKGVKPSVVTYNTLIDGLAKAGRLEEALQLFQEMKEKGVKPS
;
D
5 'polyribonucleotide' GGGGGGGGG F
6 'polyribonucleotide' UUUUUUUUU G
7 'polyribonucleotide' AAAAAAAAA H
8 'polyribonucleotide' CCCCCCCCC I
#
# COMPACT_ATOMS: atom_id res chain seq x y z
N VAL A 1 -0.53 4.01 -31.32
CA VAL A 1 -1.33 4.17 -30.09
C VAL A 1 -0.52 3.75 -28.86
N VAL A 2 0.35 2.77 -29.08
CA VAL A 2 1.17 2.21 -27.99
C VAL A 2 2.16 3.30 -27.50
N THR A 3 2.71 4.08 -28.41
CA THR A 3 3.60 5.22 -28.00
C THR A 3 2.90 6.18 -27.03
N TYR A 4 1.76 6.69 -27.46
CA TYR A 4 1.00 7.63 -26.63
C TYR A 4 0.70 7.01 -25.26
N THR A 5 0.09 5.81 -25.29
CA THR A 5 -0.38 5.11 -24.08
C THR A 5 0.79 4.90 -23.10
N THR A 6 1.96 4.52 -23.63
CA THR A 6 3.14 4.34 -22.78
C THR A 6 3.53 5.67 -22.10
N LEU A 7 3.47 6.80 -22.83
CA LEU A 7 3.88 8.12 -22.34
C LEU A 7 2.85 8.68 -21.36
N ILE A 8 1.60 8.54 -21.77
CA ILE A 8 0.50 8.89 -20.91
C ILE A 8 0.66 8.20 -19.56
N ASP A 9 1.01 6.92 -19.58
CA ASP A 9 1.05 6.16 -18.33
C ASP A 9 2.24 6.62 -17.50
N GLY A 10 3.31 6.95 -18.19
CA GLY A 10 4.51 7.40 -17.52
C GLY A 10 4.21 8.75 -16.89
N LEU A 11 3.60 9.62 -17.68
CA LEU A 11 3.28 10.93 -17.10
C LEU A 11 2.33 10.80 -15.92
N ALA A 12 1.26 10.00 -16.06
CA ALA A 12 0.26 9.93 -14.93
C ALA A 12 0.97 9.45 -13.67
N LYS A 13 1.81 8.43 -13.82
CA LYS A 13 2.42 7.81 -12.66
C LYS A 13 3.41 8.78 -12.02
N ALA A 14 3.78 9.84 -12.74
CA ALA A 14 4.71 10.79 -12.13
C ALA A 14 3.92 11.99 -11.61
N GLY A 15 2.60 11.88 -11.61
CA GLY A 15 1.70 12.95 -11.14
C GLY A 15 1.48 14.05 -12.17
N ARG A 16 2.08 13.95 -13.37
CA ARG A 16 1.89 14.97 -14.42
C ARG A 16 0.63 14.68 -15.24
N LEU A 17 -0.52 14.72 -14.58
CA LEU A 17 -1.77 14.34 -15.24
C LEU A 17 -2.18 15.32 -16.35
N GLU A 18 -1.87 16.60 -16.21
CA GLU A 18 -2.36 17.55 -17.20
C GLU A 18 -1.59 17.36 -18.50
N GLU A 19 -0.28 17.04 -18.40
CA GLU A 19 0.45 16.74 -19.61
C GLU A 19 -0.18 15.49 -20.24
N ALA A 20 -0.50 14.50 -19.38
CA ALA A 20 -1.09 13.23 -19.85
C ALA A 20 -2.35 13.55 -20.64
N LEU A 21 -3.21 14.38 -20.05
CA LEU A 21 -4.51 14.71 -20.66
C LEU A 21 -4.24 15.48 -21.93
N GLN A 22 -3.15 16.25 -21.92
CA GLN A 22 -2.73 16.98 -23.12
C GLN A 22 -2.47 15.98 -24.26
N LEU A 23 -1.64 14.96 -23.97
CA LEU A 23 -1.23 13.99 -25.02
C LEU A 23 -2.48 13.26 -25.55
N PHE A 24 -3.40 12.91 -24.66
CA PHE A 24 -4.66 12.23 -24.99
C PHE A 24 -5.37 13.05 -26.06
N GLN A 25 -5.38 14.37 -25.87
CA GLN A 25 -6.01 15.29 -26.85
C GLN A 25 -5.16 15.29 -28.14
N GLU A 26 -3.85 15.38 -27.99
CA GLU A 26 -2.96 15.38 -29.20
C GLU A 26 -3.22 14.14 -30.07
N MET A 27 -3.27 12.94 -29.46
CA MET A 27 -3.34 11.71 -30.29
C MET A 27 -4.67 11.65 -31.06
N LYS A 28 -5.76 12.16 -30.47
CA LYS A 28 -7.06 12.25 -31.21
C LYS A 28 -6.94 13.25 -32.39
N GLU A 29 -6.42 14.44 -32.09
CA GLU A 29 -6.17 15.44 -33.17
C GLU A 29 -5.39 14.78 -34.31
N LYS A 30 -4.34 14.02 -33.97
CA LYS A 30 -3.40 13.51 -34.96
C LYS A 30 -3.90 12.18 -35.53
N GLY A 31 -5.15 11.80 -35.24
CA GLY A 31 -5.77 10.63 -35.88
C GLY A 31 -5.29 9.30 -35.32
N VAL A 32 -4.68 9.33 -34.13
CA VAL A 32 -4.30 8.10 -33.45
C VAL A 32 -5.32 7.81 -32.36
N LYS A 33 -6.21 6.87 -32.70
CA LYS A 33 -7.40 6.51 -31.92
C LYS A 33 -7.08 5.87 -30.58
N PRO A 34 -7.47 6.46 -29.43
CA PRO A 34 -7.37 5.78 -28.14
C PRO A 34 -7.94 4.36 -28.23
N ASP A 35 -7.32 3.39 -27.55
CA ASP A 35 -7.83 2.02 -27.48
C ASP A 35 -8.23 1.72 -26.03
N VAL A 36 -8.60 0.46 -25.74
CA VAL A 36 -9.09 0.16 -24.42
C VAL A 36 -7.99 0.41 -23.37
N VAL A 37 -6.74 0.25 -23.81
CA VAL A 37 -5.57 0.43 -22.92
C VAL A 37 -5.36 1.92 -22.62
N THR A 38 -5.63 2.78 -23.61
CA THR A 38 -5.49 4.22 -23.44
C THR A 38 -6.40 4.67 -22.29
N TYR A 39 -7.71 4.38 -22.45
CA TYR A 39 -8.71 4.77 -21.46
C TYR A 39 -8.37 4.16 -20.09
N THR A 40 -8.01 2.89 -20.09
CA THR A 40 -7.78 2.17 -18.86
C THR A 40 -6.58 2.81 -18.14
N THR A 41 -5.57 3.23 -18.92
CA THR A 41 -4.44 3.89 -18.32
C THR A 41 -4.83 5.23 -17.73
N LEU A 42 -5.64 6.01 -18.44
CA LEU A 42 -6.05 7.40 -17.97
C LEU A 42 -7.01 7.31 -16.80
N ILE A 43 -7.92 6.34 -16.86
CA ILE A 43 -8.87 6.16 -15.77
C ILE A 43 -8.11 5.81 -14.48
N ASP A 44 -7.10 4.91 -14.59
CA ASP A 44 -6.33 4.53 -13.38
C ASP A 44 -5.50 5.73 -12.85
N GLY A 45 -4.90 6.50 -13.74
CA GLY A 45 -4.15 7.65 -13.29
C GLY A 45 -5.05 8.66 -12.61
N LEU A 46 -6.23 8.90 -13.17
CA LEU A 46 -7.10 9.89 -12.55
C LEU A 46 -7.59 9.43 -11.16
N ALA A 47 -8.03 8.19 -11.06
CA ALA A 47 -8.50 7.68 -9.76
C ALA A 47 -7.38 7.85 -8.72
N LYS A 48 -6.15 7.50 -9.09
CA LYS A 48 -5.09 7.47 -8.08
C LYS A 48 -4.70 8.88 -7.66
N ALA A 49 -5.01 9.85 -8.51
CA ALA A 49 -4.73 11.27 -8.30
C ALA A 49 -5.82 11.95 -7.46
N GLY A 50 -6.86 11.21 -7.09
CA GLY A 50 -7.95 11.76 -6.31
C GLY A 50 -9.08 12.29 -7.19
N ARG A 51 -9.04 11.94 -8.47
CA ARG A 51 -9.86 12.59 -9.46
C ARG A 51 -10.83 11.56 -10.08
N LEU A 52 -11.62 10.92 -9.19
CA LEU A 52 -12.48 9.84 -9.54
C LEU A 52 -13.61 10.31 -10.47
N GLU A 53 -14.13 11.51 -10.23
CA GLU A 53 -15.23 12.02 -11.07
C GLU A 53 -14.76 12.13 -12.52
N GLU A 54 -13.57 12.71 -12.78
CA GLU A 54 -13.14 12.78 -14.20
C GLU A 54 -12.89 11.37 -14.77
N ALA A 55 -12.48 10.45 -13.91
CA ALA A 55 -12.27 9.05 -14.36
C ALA A 55 -13.59 8.40 -14.77
N LEU A 56 -14.65 8.67 -14.00
CA LEU A 56 -15.97 8.21 -14.33
C LEU A 56 -16.46 8.89 -15.61
N GLN A 57 -16.06 10.14 -15.90
CA GLN A 57 -16.48 10.72 -17.20
C GLN A 57 -15.84 9.96 -18.37
N LEU A 58 -14.61 9.49 -18.19
CA LEU A 58 -13.86 8.93 -19.32
C LEU A 58 -14.41 7.53 -19.61
N PHE A 59 -14.90 6.86 -18.56
CA PHE A 59 -15.51 5.55 -18.68
C PHE A 59 -16.76 5.71 -19.54
N GLN A 60 -17.51 6.77 -19.26
CA GLN A 60 -18.75 7.04 -20.04
C GLN A 60 -18.31 7.34 -21.49
N GLU A 61 -17.22 8.12 -21.62
CA GLU A 61 -16.73 8.53 -22.97
C GLU A 61 -16.33 7.32 -23.82
N MET A 62 -15.75 6.29 -23.20
CA MET A 62 -15.25 5.19 -24.04
C MET A 62 -16.45 4.39 -24.55
N LYS A 63 -17.50 4.25 -23.71
CA LYS A 63 -18.71 3.54 -24.17
C LYS A 63 -19.36 4.37 -25.31
N GLU A 64 -19.51 5.69 -25.12
CA GLU A 64 -20.07 6.64 -26.12
C GLU A 64 -19.28 6.47 -27.42
N LYS A 65 -17.97 6.16 -27.29
CA LYS A 65 -17.05 6.11 -28.43
C LYS A 65 -16.90 4.70 -29.01
N GLY A 66 -17.65 3.70 -28.54
CA GLY A 66 -17.51 2.34 -29.13
C GLY A 66 -16.31 1.50 -28.60
N VAL A 67 -15.60 1.98 -27.58
CA VAL A 67 -14.43 1.26 -27.10
C VAL A 67 -14.85 0.47 -25.84
N LYS A 68 -15.09 -0.81 -26.05
CA LYS A 68 -15.71 -1.62 -24.99
C LYS A 68 -14.75 -1.77 -23.80
N PRO A 69 -15.25 -1.46 -22.59
CA PRO A 69 -14.48 -1.70 -21.38
C PRO A 69 -14.04 -3.17 -21.42
N ASP A 70 -12.98 -3.50 -20.67
CA ASP A 70 -12.51 -4.89 -20.49
C ASP A 70 -12.24 -5.14 -18.99
N VAL A 71 -12.03 -6.41 -18.62
CA VAL A 71 -11.85 -6.82 -17.25
C VAL A 71 -10.90 -5.82 -16.54
N VAL A 72 -9.86 -5.37 -17.25
CA VAL A 72 -8.91 -4.42 -16.65
C VAL A 72 -9.59 -3.08 -16.41
N THR A 73 -10.41 -2.61 -17.38
CA THR A 73 -11.23 -1.44 -17.14
C THR A 73 -12.06 -1.58 -15.86
N TYR A 74 -12.74 -2.70 -15.71
CA TYR A 74 -13.63 -2.89 -14.57
C TYR A 74 -12.79 -3.04 -13.28
N THR A 75 -11.72 -3.83 -13.33
CA THR A 75 -10.91 -4.06 -12.14
C THR A 75 -10.32 -2.73 -11.67
N THR A 76 -10.00 -1.85 -12.64
CA THR A 76 -9.36 -0.58 -12.33
C THR A 76 -10.36 0.38 -11.67
N LEU A 77 -11.61 0.34 -12.13
CA LEU A 77 -12.69 1.21 -11.60
C LEU A 77 -13.15 0.75 -10.23
N ILE A 78 -13.24 -0.56 -10.10
CA ILE A 78 -13.68 -1.19 -8.83
C ILE A 78 -12.71 -0.79 -7.70
N ASP A 79 -11.41 -0.87 -8.00
CA ASP A 79 -10.34 -0.59 -7.02
C ASP A 79 -10.35 0.90 -6.62
N GLY A 80 -10.55 1.75 -7.63
CA GLY A 80 -10.67 3.20 -7.40
C GLY A 80 -11.90 3.53 -6.57
N LEU A 81 -13.07 3.00 -6.93
CA LEU A 81 -14.27 3.26 -6.08
C LEU A 81 -14.07 2.75 -4.65
N ALA A 82 -13.54 1.53 -4.53
CA ALA A 82 -13.34 0.94 -3.21
C ALA A 82 -12.42 1.82 -2.36
N LYS A 83 -11.34 2.33 -2.93
CA LYS A 83 -10.40 3.02 -2.12
C LYS A 83 -10.98 4.38 -1.75
N ALA A 84 -11.88 4.90 -2.54
CA ALA A 84 -12.40 6.22 -2.29
C ALA A 84 -13.63 6.09 -1.40
N GLY A 85 -13.81 4.91 -0.81
CA GLY A 85 -14.90 4.69 0.12
C GLY A 85 -16.25 4.46 -0.56
N ARG A 86 -16.24 4.11 -1.85
CA ARG A 86 -17.51 3.93 -2.54
C ARG A 86 -17.72 2.45 -2.90
N LEU A 87 -17.83 1.62 -1.86
CA LEU A 87 -17.76 0.19 -2.04
C LEU A 87 -19.04 -0.33 -2.72
N GLU A 88 -20.15 0.36 -2.50
CA GLU A 88 -21.42 -0.17 -2.95
C GLU A 88 -21.45 -0.04 -4.47
N GLU A 89 -20.96 1.09 -4.98
CA GLU A 89 -20.88 1.26 -6.43
C GLU A 89 -19.88 0.27 -7.04
N ALA A 90 -18.77 0.01 -6.34
CA ALA A 90 -17.81 -0.99 -6.85
C ALA A 90 -18.52 -2.34 -6.97
N LEU A 91 -19.32 -2.69 -5.96
CA LEU A 91 -20.01 -4.04 -5.96
C LEU A 91 -21.01 -4.12 -7.12
N GLN A 92 -21.60 -2.97 -7.47
CA GLN A 92 -22.55 -2.90 -8.56
C GLN A 92 -21.83 -2.99 -9.90
N LEU A 93 -20.59 -2.48 -10.00
CA LEU A 93 -19.84 -2.64 -11.24
C LEU A 93 -19.50 -4.13 -11.41
N PHE A 94 -19.19 -4.80 -10.32
CA PHE A 94 -18.83 -6.23 -10.41
C PHE A 94 -20.04 -7.04 -10.92
N GLN A 95 -21.23 -6.70 -10.43
CA GLN A 95 -22.48 -7.31 -10.94
C GLN A 95 -22.55 -6.96 -12.44
N GLU A 96 -22.35 -5.68 -12.78
CA GLU A 96 -22.55 -5.24 -14.17
C GLU A 96 -21.57 -5.97 -15.10
N MET A 97 -20.33 -6.23 -14.67
CA MET A 97 -19.41 -6.87 -15.59
C MET A 97 -19.87 -8.32 -15.87
N LYS A 98 -20.36 -9.03 -14.85
CA LYS A 98 -20.76 -10.42 -14.99
C LYS A 98 -21.96 -10.48 -15.96
N GLU A 99 -22.92 -9.54 -15.76
CA GLU A 99 -24.16 -9.39 -16.59
C GLU A 99 -23.80 -9.11 -18.05
N LYS A 100 -22.59 -8.57 -18.28
CA LYS A 100 -22.17 -8.19 -19.63
C LYS A 100 -21.19 -9.21 -20.18
N GLY A 101 -20.96 -10.31 -19.46
CA GLY A 101 -20.12 -11.35 -20.00
C GLY A 101 -18.62 -11.02 -19.90
N VAL A 102 -18.24 -9.96 -19.18
CA VAL A 102 -16.82 -9.71 -18.89
C VAL A 102 -16.41 -10.47 -17.62
N LYS A 103 -15.78 -11.64 -17.86
CA LYS A 103 -15.39 -12.64 -16.81
C LYS A 103 -14.41 -11.97 -15.82
N PRO A 104 -14.79 -11.79 -14.54
CA PRO A 104 -13.82 -11.43 -13.51
C PRO A 104 -12.60 -12.34 -13.70
N ASP A 105 -11.44 -11.82 -13.26
CA ASP A 105 -10.23 -12.60 -13.16
C ASP A 105 -9.77 -12.55 -11.70
N VAL A 106 -8.60 -13.14 -11.43
CA VAL A 106 -8.13 -13.26 -10.08
C VAL A 106 -7.88 -11.85 -9.51
N VAL A 107 -7.51 -10.90 -10.39
CA VAL A 107 -7.33 -9.51 -9.90
C VAL A 107 -8.67 -8.89 -9.49
N THR A 108 -9.72 -9.17 -10.26
CA THR A 108 -11.05 -8.74 -9.91
C THR A 108 -11.36 -9.14 -8.45
N TYR A 109 -11.25 -10.45 -8.17
CA TYR A 109 -11.53 -10.99 -6.83
C TYR A 109 -10.57 -10.39 -5.78
N THR A 110 -9.27 -10.32 -6.11
CA THR A 110 -8.30 -9.89 -5.11
C THR A 110 -8.59 -8.42 -4.73
N THR A 111 -9.02 -7.63 -5.71
CA THR A 111 -9.32 -6.22 -5.48
C THR A 111 -10.52 -6.05 -4.54
N LEU A 112 -11.55 -6.84 -4.78
CA LEU A 112 -12.79 -6.75 -4.05
C LEU A 112 -12.60 -7.25 -2.63
N ILE A 113 -11.94 -8.39 -2.50
CA ILE A 113 -11.66 -8.97 -1.18
C ILE A 113 -10.93 -7.94 -0.33
N ASP A 114 -9.94 -7.27 -0.93
CA ASP A 114 -9.18 -6.27 -0.21
C ASP A 114 -10.11 -5.13 0.21
N GLY A 115 -10.95 -4.68 -0.72
CA GLY A 115 -11.80 -3.52 -0.42
C GLY A 115 -12.83 -3.90 0.66
N LEU A 116 -13.32 -5.13 0.61
CA LEU A 116 -14.30 -5.58 1.61
C LEU A 116 -13.64 -5.73 2.98
N ALA A 117 -12.45 -6.34 3.00
CA ALA A 117 -11.74 -6.54 4.30
C ALA A 117 -11.49 -5.18 4.97
N LYS A 118 -11.04 -4.21 4.17
CA LYS A 118 -10.63 -2.95 4.72
C LYS A 118 -11.86 -2.16 5.18
N ALA A 119 -13.03 -2.55 4.70
CA ALA A 119 -14.26 -1.84 5.07
C ALA A 119 -14.94 -2.49 6.27
N GLY A 120 -14.36 -3.59 6.78
CA GLY A 120 -14.81 -4.32 7.95
C GLY A 120 -15.65 -5.53 7.58
N ARG A 121 -15.81 -5.80 6.28
CA ARG A 121 -16.77 -6.79 5.84
C ARG A 121 -16.02 -8.08 5.50
N LEU A 122 -15.35 -8.58 6.55
CA LEU A 122 -14.50 -9.70 6.32
C LEU A 122 -15.28 -10.98 5.93
N GLU A 123 -16.55 -11.09 6.33
CA GLU A 123 -17.26 -12.40 6.11
C GLU A 123 -17.65 -12.54 4.61
N GLU A 124 -18.00 -11.34 4.08
CA GLU A 124 -18.26 -11.19 2.64
C GLU A 124 -16.99 -11.49 1.84
N ALA A 125 -15.85 -10.96 2.32
CA ALA A 125 -14.59 -11.20 1.66
C ALA A 125 -14.34 -12.71 1.58
N LEU A 126 -14.56 -13.38 2.72
CA LEU A 126 -14.33 -14.81 2.78
C LEU A 126 -15.32 -15.54 1.87
N GLN A 127 -16.53 -15.01 1.76
CA GLN A 127 -17.51 -15.61 0.81
C GLN A 127 -16.94 -15.56 -0.61
N LEU A 128 -16.39 -14.40 -1.01
CA LEU A 128 -15.88 -14.26 -2.38
C LEU A 128 -14.73 -15.24 -2.62
N PHE A 129 -13.92 -15.46 -1.58
CA PHE A 129 -12.81 -16.38 -1.59
C PHE A 129 -13.31 -17.80 -1.91
N GLN A 130 -14.38 -18.17 -1.20
CA GLN A 130 -15.11 -19.40 -1.47
C GLN A 130 -15.55 -19.38 -2.94
N GLU A 131 -16.22 -18.28 -3.30
CA GLU A 131 -16.87 -18.15 -4.62
C GLU A 131 -15.87 -18.27 -5.78
N MET A 132 -14.68 -17.65 -5.65
CA MET A 132 -13.73 -17.70 -6.75
C MET A 132 -13.25 -19.15 -6.90
N LYS A 133 -13.27 -19.88 -5.77
CA LYS A 133 -12.85 -21.29 -5.74
C LYS A 133 -13.89 -22.14 -6.48
N GLU A 134 -15.17 -21.94 -6.16
CA GLU A 134 -16.25 -22.69 -6.82
C GLU A 134 -16.31 -22.29 -8.30
N LYS A 135 -15.83 -21.07 -8.64
CA LYS A 135 -15.92 -20.59 -10.02
C LYS A 135 -14.67 -20.98 -10.80
N GLY A 136 -13.72 -21.67 -10.15
CA GLY A 136 -12.48 -22.14 -10.81
C GLY A 136 -11.45 -21.02 -11.04
N VAL A 137 -11.62 -19.88 -10.38
CA VAL A 137 -10.62 -18.80 -10.46
C VAL A 137 -9.63 -18.95 -9.26
N LYS A 138 -8.47 -19.53 -9.56
CA LYS A 138 -7.53 -19.99 -8.55
C LYS A 138 -6.86 -18.82 -7.81
N PRO A 139 -7.01 -18.77 -6.48
CA PRO A 139 -6.32 -17.75 -5.69
C PRO A 139 -4.84 -17.79 -6.07
N ASP A 140 -4.21 -16.61 -6.10
CA ASP A 140 -2.76 -16.49 -6.25
C ASP A 140 -2.20 -16.03 -4.89
N VAL A 141 -0.92 -15.63 -4.89
CA VAL A 141 -0.21 -15.32 -3.63
C VAL A 141 -0.81 -14.03 -3.05
N VAL A 142 -1.35 -13.22 -3.96
CA VAL A 142 -1.88 -11.97 -3.63
C VAL A 142 -3.20 -12.16 -2.92
N THR A 143 -4.04 -13.08 -3.42
CA THR A 143 -5.30 -13.43 -2.70
C THR A 143 -4.93 -13.75 -1.25
N TYR A 144 -3.94 -14.64 -1.11
CA TYR A 144 -3.56 -15.18 0.22
C TYR A 144 -3.04 -14.03 1.10
N THR A 145 -2.08 -13.28 0.56
CA THR A 145 -1.50 -12.19 1.32
C THR A 145 -2.60 -11.21 1.69
N THR A 146 -3.61 -11.07 0.82
CA THR A 146 -4.66 -10.07 1.08
C THR A 146 -5.52 -10.53 2.26
N LEU A 147 -5.85 -11.81 2.23
CA LEU A 147 -6.73 -12.34 3.26
C LEU A 147 -5.99 -12.46 4.61
N ILE A 148 -4.77 -12.94 4.57
CA ILE A 148 -3.97 -13.05 5.76
C ILE A 148 -3.90 -11.68 6.46
N ASP A 149 -3.75 -10.58 5.69
CA ASP A 149 -3.63 -9.23 6.29
C ASP A 149 -4.96 -8.79 6.91
N GLY A 150 -6.06 -9.10 6.20
CA GLY A 150 -7.38 -8.64 6.60
C GLY A 150 -7.79 -9.32 7.89
N LEU A 151 -7.47 -10.61 7.98
CA LEU A 151 -7.79 -11.40 9.15
C LEU A 151 -7.03 -10.90 10.39
N ALA A 152 -5.71 -10.74 10.23
CA ALA A 152 -4.84 -10.33 11.33
C ALA A 152 -5.35 -9.00 11.85
N LYS A 153 -5.61 -8.07 10.92
CA LYS A 153 -5.97 -6.77 11.37
C LYS A 153 -7.35 -6.76 12.05
N ALA A 154 -8.17 -7.79 11.78
CA ALA A 154 -9.48 -7.91 12.44
C ALA A 154 -9.33 -8.67 13.74
N GLY A 155 -8.09 -8.99 14.11
CA GLY A 155 -7.80 -9.67 15.35
C GLY A 155 -8.13 -11.14 15.24
N ARG A 156 -8.20 -11.63 14.00
CA ARG A 156 -8.46 -13.03 13.75
C ARG A 156 -7.15 -13.69 13.28
N LEU A 157 -6.10 -13.57 14.11
CA LEU A 157 -4.76 -14.04 13.69
C LEU A 157 -4.69 -15.57 13.55
N GLU A 158 -5.53 -16.30 14.29
CA GLU A 158 -5.45 -17.78 14.21
C GLU A 158 -5.85 -18.31 12.77
N GLU A 159 -6.99 -17.70 12.27
CA GLU A 159 -7.43 -17.98 10.88
C GLU A 159 -6.30 -17.60 9.91
N ALA A 160 -5.80 -16.38 10.10
CA ALA A 160 -4.70 -15.89 9.28
C ALA A 160 -3.58 -16.93 9.17
N LEU A 161 -3.19 -17.53 10.32
CA LEU A 161 -2.14 -18.55 10.29
C LEU A 161 -2.65 -19.86 9.68
N GLN A 162 -3.94 -20.18 9.86
CA GLN A 162 -4.45 -21.41 9.21
C GLN A 162 -4.23 -21.24 7.70
N LEU A 163 -4.65 -20.07 7.23
CA LEU A 163 -4.64 -19.72 5.81
C LEU A 163 -3.22 -19.79 5.26
N PHE A 164 -2.20 -19.48 6.06
CA PHE A 164 -0.76 -19.52 5.63
C PHE A 164 -0.36 -20.98 5.44
N GLU A 165 -1.07 -21.82 6.20
CA GLU A 165 -0.96 -23.27 6.16
C GLU A 165 -1.49 -23.72 4.78
N GLU A 166 -2.82 -23.45 4.60
CA GLU A 166 -3.57 -23.82 3.38
C GLU A 166 -2.69 -23.47 2.16
N MET A 167 -2.07 -22.28 2.23
CA MET A 167 -1.36 -21.63 1.11
C MET A 167 -0.19 -22.51 0.70
N LYS A 168 0.67 -22.80 1.69
CA LYS A 168 1.89 -23.59 1.50
C LYS A 168 1.50 -24.99 0.98
N GLU A 169 0.35 -25.49 1.43
CA GLU A 169 -0.11 -26.82 1.06
C GLU A 169 -0.63 -26.90 -0.38
N LYS A 170 -1.12 -25.77 -0.95
CA LYS A 170 -1.63 -25.79 -2.33
C LYS A 170 -0.56 -25.28 -3.28
N GLY A 171 0.69 -25.19 -2.80
CA GLY A 171 1.81 -24.87 -3.66
C GLY A 171 1.90 -23.39 -3.99
N VAL A 172 1.15 -22.54 -3.27
CA VAL A 172 1.34 -21.10 -3.42
C VAL A 172 2.51 -20.63 -2.55
N LYS A 173 3.64 -20.36 -3.17
CA LYS A 173 4.86 -20.03 -2.44
C LYS A 173 4.74 -18.64 -1.81
N PRO A 174 4.74 -18.53 -0.47
CA PRO A 174 4.81 -17.23 0.18
C PRO A 174 5.91 -16.39 -0.44
N ASP A 175 5.63 -15.11 -0.66
CA ASP A 175 6.62 -14.13 -1.11
C ASP A 175 6.91 -13.17 0.06
N VAL A 176 7.69 -12.13 -0.20
CA VAL A 176 8.21 -11.28 0.86
C VAL A 176 7.05 -10.53 1.52
N VAL A 177 5.98 -10.33 0.74
CA VAL A 177 4.86 -9.64 1.25
C VAL A 177 4.13 -10.52 2.29
N THR A 178 3.99 -11.80 2.00
CA THR A 178 3.42 -12.78 2.96
C THR A 178 4.15 -12.73 4.31
N TYR A 179 5.48 -12.90 4.28
CA TYR A 179 6.29 -12.93 5.50
C TYR A 179 6.11 -11.59 6.24
N THR A 180 6.39 -10.49 5.54
CA THR A 180 6.34 -9.17 6.15
C THR A 180 4.96 -8.95 6.78
N THR A 181 3.90 -9.39 6.10
CA THR A 181 2.53 -9.22 6.61
C THR A 181 2.30 -10.05 7.90
N LEU A 182 2.75 -11.28 7.90
CA LEU A 182 2.58 -12.22 9.07
C LEU A 182 3.47 -11.75 10.22
N ILE A 183 4.69 -11.31 9.89
CA ILE A 183 5.59 -10.70 10.91
C ILE A 183 4.89 -9.54 11.65
N ASP A 184 4.29 -8.62 10.90
CA ASP A 184 3.60 -7.47 11.52
C ASP A 184 2.43 -7.95 12.39
N GLY A 185 1.72 -8.97 11.93
CA GLY A 185 0.49 -9.34 12.59
C GLY A 185 0.82 -10.01 13.92
N LEU A 186 1.89 -10.81 13.89
CA LEU A 186 2.40 -11.51 15.09
C LEU A 186 2.94 -10.49 16.10
N ALA A 187 3.76 -9.57 15.58
CA ALA A 187 4.37 -8.54 16.45
C ALA A 187 3.26 -7.75 17.14
N LYS A 188 2.27 -7.31 16.36
CA LYS A 188 1.24 -6.44 16.93
C LYS A 188 0.38 -7.24 17.92
N ALA A 189 0.34 -8.56 17.77
CA ALA A 189 -0.42 -9.38 18.72
C ALA A 189 0.45 -9.79 19.92
N GLY A 190 1.66 -9.24 20.04
CA GLY A 190 2.47 -9.57 21.18
C GLY A 190 3.16 -10.93 21.06
N ARG A 191 3.32 -11.42 19.83
CA ARG A 191 4.02 -12.66 19.55
C ARG A 191 5.33 -12.36 18.81
N LEU A 192 6.20 -11.55 19.44
CA LEU A 192 7.39 -11.05 18.83
C LEU A 192 8.40 -12.18 18.54
N GLU A 193 8.49 -13.17 19.43
CA GLU A 193 9.43 -14.33 19.24
C GLU A 193 9.11 -15.13 17.98
N GLU A 194 7.82 -15.38 17.73
CA GLU A 194 7.41 -16.07 16.49
C GLU A 194 7.69 -15.15 15.30
N ALA A 195 7.52 -13.84 15.48
CA ALA A 195 7.80 -13.01 14.34
C ALA A 195 9.30 -13.07 14.00
N LEU A 196 10.16 -13.03 15.00
CA LEU A 196 11.64 -13.08 14.75
C LEU A 196 12.09 -14.45 14.21
N GLN A 197 11.32 -15.50 14.49
CA GLN A 197 11.60 -16.87 13.95
C GLN A 197 11.18 -16.89 12.49
N LEU A 198 10.10 -16.16 12.18
CA LEU A 198 9.70 -16.07 10.78
C LEU A 198 10.71 -15.24 10.02
N PHE A 199 11.24 -14.21 10.63
CA PHE A 199 12.33 -13.48 10.00
C PHE A 199 13.51 -14.42 9.63
N GLN A 200 13.82 -15.38 10.52
CA GLN A 200 14.96 -16.26 10.31
C GLN A 200 14.59 -17.21 9.18
N GLU A 201 13.34 -17.68 9.18
CA GLU A 201 12.90 -18.65 8.23
C GLU A 201 12.89 -18.11 6.79
N MET A 202 12.40 -16.87 6.59
CA MET A 202 12.35 -16.32 5.23
C MET A 202 13.79 -16.21 4.71
N LYS A 203 14.78 -15.96 5.60
CA LYS A 203 16.17 -15.85 5.14
C LYS A 203 16.66 -17.25 4.71
N GLU A 204 16.37 -18.26 5.51
CA GLU A 204 16.65 -19.66 5.13
C GLU A 204 16.01 -20.02 3.77
N LYS A 205 14.73 -19.67 3.53
CA LYS A 205 14.01 -19.95 2.27
C LYS A 205 14.50 -19.08 1.11
N GLY A 206 15.51 -18.24 1.34
CA GLY A 206 16.08 -17.38 0.29
C GLY A 206 15.21 -16.18 -0.05
N VAL A 207 14.13 -15.96 0.72
CA VAL A 207 13.16 -14.86 0.50
C VAL A 207 13.68 -13.63 1.24
N LYS A 208 14.37 -12.76 0.50
CA LYS A 208 15.16 -11.65 1.01
C LYS A 208 14.25 -10.63 1.71
N PRO A 209 14.54 -10.28 2.98
CA PRO A 209 13.89 -9.15 3.63
C PRO A 209 14.09 -7.88 2.79
N ASP A 210 13.05 -7.05 2.70
CA ASP A 210 13.13 -5.74 2.09
C ASP A 210 12.99 -4.68 3.20
N VAL A 211 12.94 -3.40 2.79
CA VAL A 211 12.89 -2.31 3.74
C VAL A 211 11.69 -2.49 4.68
N VAL A 212 10.58 -2.92 4.08
CA VAL A 212 9.30 -3.09 4.77
C VAL A 212 9.51 -4.13 5.85
N THR A 213 10.24 -5.21 5.52
CA THR A 213 10.52 -6.23 6.49
C THR A 213 11.25 -5.59 7.67
N TYR A 214 12.39 -4.92 7.38
CA TYR A 214 13.17 -4.32 8.44
C TYR A 214 12.32 -3.31 9.22
N THR A 215 11.58 -2.44 8.54
CA THR A 215 10.91 -1.33 9.22
C THR A 215 9.86 -1.90 10.18
N THR A 216 9.25 -3.02 9.77
CA THR A 216 8.25 -3.69 10.49
C THR A 216 8.81 -4.27 11.78
N LEU A 217 10.02 -4.83 11.74
CA LEU A 217 10.57 -5.48 12.94
C LEU A 217 11.14 -4.41 13.89
N ILE A 218 11.68 -3.36 13.27
CA ILE A 218 12.20 -2.24 14.01
C ILE A 218 11.10 -1.66 14.87
N ASP A 219 9.91 -1.46 14.28
CA ASP A 219 8.76 -0.88 15.01
C ASP A 219 8.33 -1.84 16.12
N GLY A 220 8.27 -3.12 15.75
CA GLY A 220 7.83 -4.19 16.65
C GLY A 220 8.76 -4.30 17.83
N LEU A 221 10.08 -4.19 17.59
CA LEU A 221 11.04 -4.26 18.70
C LEU A 221 10.94 -2.99 19.56
N ALA A 222 10.79 -1.83 18.91
CA ALA A 222 10.76 -0.57 19.66
C ALA A 222 9.60 -0.59 20.66
N LYS A 223 8.44 -1.04 20.18
CA LYS A 223 7.24 -0.90 20.94
C LYS A 223 7.24 -1.95 22.06
N ALA A 224 8.09 -2.95 21.91
CA ALA A 224 8.18 -3.99 22.93
C ALA A 224 9.26 -3.64 23.96
N GLY A 225 9.89 -2.47 23.80
CA GLY A 225 10.89 -1.98 24.73
C GLY A 225 12.27 -2.55 24.47
N ARG A 226 12.48 -3.09 23.27
CA ARG A 226 13.74 -3.61 22.85
C ARG A 226 14.45 -2.66 21.86
N LEU A 227 14.67 -1.43 22.31
CA LEU A 227 15.22 -0.40 21.45
C LEU A 227 16.63 -0.71 20.94
N GLU A 228 17.40 -1.44 21.76
CA GLU A 228 18.80 -1.71 21.39
C GLU A 228 18.83 -2.63 20.17
N GLU A 229 17.97 -3.65 20.21
CA GLU A 229 17.91 -4.57 19.06
C GLU A 229 17.43 -3.79 17.83
N ALA A 230 16.36 -3.01 18.03
CA ALA A 230 15.85 -2.18 16.91
C ALA A 230 17.02 -1.37 16.32
N LEU A 231 17.86 -0.76 17.18
CA LEU A 231 18.94 0.10 16.59
C LEU A 231 19.94 -0.82 15.90
N GLN A 232 20.03 -2.05 16.40
CA GLN A 232 20.92 -3.07 15.76
C GLN A 232 20.46 -3.37 14.32
N LEU A 233 19.15 -3.53 14.12
CA LEU A 233 18.60 -3.91 12.82
C LEU A 233 18.77 -2.74 11.85
N PHE A 234 18.63 -1.52 12.37
CA PHE A 234 18.88 -0.30 11.61
C PHE A 234 20.30 -0.35 11.03
N GLU A 235 21.32 -0.52 11.88
CA GLU A 235 22.70 -0.59 11.40
C GLU A 235 22.77 -1.76 10.40
N GLU A 236 22.20 -2.91 10.82
CA GLU A 236 22.30 -4.12 9.97
C GLU A 236 21.79 -3.83 8.55
N MET A 237 20.54 -3.34 8.41
CA MET A 237 19.97 -3.22 7.07
C MET A 237 20.84 -2.27 6.25
N LYS A 238 21.47 -1.26 6.87
CA LYS A 238 22.33 -0.39 6.09
C LYS A 238 23.53 -1.21 5.58
N GLU A 239 24.12 -2.02 6.46
CA GLU A 239 25.31 -2.84 6.15
C GLU A 239 25.00 -3.85 5.04
N LYS A 240 23.72 -4.05 4.72
CA LYS A 240 23.26 -5.10 3.83
C LYS A 240 22.71 -4.42 2.56
N GLY A 241 22.95 -3.11 2.45
CA GLY A 241 22.53 -2.35 1.28
C GLY A 241 21.02 -2.21 1.16
N VAL A 242 20.25 -2.45 2.23
CA VAL A 242 18.77 -2.14 2.28
C VAL A 242 18.58 -0.74 2.89
N LYS A 243 18.30 0.25 2.02
CA LYS A 243 18.39 1.70 2.38
C LYS A 243 17.26 2.08 3.32
N PRO A 244 17.54 2.50 4.56
CA PRO A 244 16.47 3.00 5.40
C PRO A 244 15.69 4.02 4.58
N ASP A 245 14.37 4.06 4.79
CA ASP A 245 13.51 5.00 4.12
C ASP A 245 12.78 5.83 5.17
N VAL A 246 12.04 6.83 4.70
CA VAL A 246 11.46 7.85 5.57
C VAL A 246 10.70 7.11 6.68
N VAL A 247 10.07 6.02 6.30
CA VAL A 247 9.27 5.29 7.26
C VAL A 247 10.20 4.71 8.33
N THR A 248 11.33 4.16 7.89
CA THR A 248 12.34 3.62 8.76
C THR A 248 12.75 4.67 9.79
N TYR A 249 13.18 5.85 9.28
CA TYR A 249 13.58 6.93 10.16
C TYR A 249 12.43 7.32 11.11
N THR A 250 11.24 7.52 10.53
CA THR A 250 10.12 8.00 11.30
C THR A 250 9.80 6.99 12.41
N THR A 251 9.97 5.70 12.11
CA THR A 251 9.70 4.67 13.11
C THR A 251 10.68 4.75 14.28
N LEU A 252 11.95 4.97 13.96
CA LEU A 252 12.99 5.02 14.97
C LEU A 252 12.94 6.32 15.81
N ILE A 253 12.65 7.42 15.15
CA ILE A 253 12.44 8.68 15.86
C ILE A 253 11.33 8.53 16.91
N ASP A 254 10.21 7.94 16.49
CA ASP A 254 9.12 7.79 17.41
C ASP A 254 9.54 6.88 18.57
N GLY A 255 10.21 5.77 18.29
CA GLY A 255 10.59 4.84 19.45
C GLY A 255 11.63 5.44 20.39
N LEU A 256 12.62 6.14 19.85
CA LEU A 256 13.57 6.89 20.65
C LEU A 256 12.83 7.91 21.54
N ALA A 257 11.92 8.67 20.96
CA ALA A 257 11.22 9.73 21.74
C ALA A 257 10.37 9.14 22.88
N LYS A 258 9.59 8.10 22.62
CA LYS A 258 8.73 7.54 23.66
C LYS A 258 9.58 6.88 24.75
N ALA A 259 10.81 6.54 24.40
CA ALA A 259 11.75 5.87 25.34
C ALA A 259 12.52 6.91 26.17
N GLY A 260 12.21 8.19 25.97
CA GLY A 260 12.89 9.18 26.76
C GLY A 260 14.16 9.67 26.08
N ARG A 261 14.44 9.21 24.85
CA ARG A 261 15.74 9.41 24.23
C ARG A 261 15.65 10.41 23.08
N LEU A 262 15.21 11.62 23.39
CA LEU A 262 14.87 12.66 22.44
C LEU A 262 16.08 13.25 21.72
N GLU A 263 17.23 13.36 22.40
CA GLU A 263 18.35 13.96 21.66
C GLU A 263 18.77 12.94 20.60
N GLU A 264 18.59 11.65 20.85
CA GLU A 264 18.96 10.71 19.76
C GLU A 264 18.00 10.86 18.56
N ALA A 265 16.74 11.05 18.90
CA ALA A 265 15.73 11.16 17.91
C ALA A 265 16.01 12.40 17.07
N LEU A 266 16.32 13.54 17.73
CA LEU A 266 16.61 14.80 17.00
C LEU A 266 17.88 14.63 16.15
N GLN A 267 18.80 13.80 16.62
CA GLN A 267 19.97 13.43 15.80
C GLN A 267 19.54 12.78 14.48
N LEU A 268 18.59 11.84 14.53
CA LEU A 268 18.23 11.07 13.33
C LEU A 268 17.49 12.01 12.35
N PHE A 269 16.76 12.97 12.92
CA PHE A 269 16.04 13.90 12.10
C PHE A 269 17.04 14.66 11.23
N GLU A 270 18.13 15.10 11.87
CA GLU A 270 19.27 15.74 11.21
C GLU A 270 19.82 14.83 10.13
N GLU A 271 20.24 13.64 10.61
CA GLU A 271 20.88 12.59 9.80
C GLU A 271 20.07 12.33 8.53
N MET A 272 18.72 12.26 8.63
CA MET A 272 17.94 11.84 7.45
C MET A 272 17.93 13.03 6.49
N LYS A 273 18.00 14.22 7.09
CA LYS A 273 18.07 15.40 6.28
C LYS A 273 19.39 15.34 5.49
N GLU A 274 20.52 15.21 6.20
CA GLU A 274 21.83 15.07 5.55
C GLU A 274 21.73 14.08 4.39
N LYS A 275 21.05 12.94 4.60
CA LYS A 275 21.15 11.83 3.66
C LYS A 275 20.08 11.91 2.57
N GLY A 276 19.45 13.10 2.45
CA GLY A 276 18.47 13.42 1.41
C GLY A 276 17.16 12.65 1.54
N VAL A 277 16.83 12.15 2.74
CA VAL A 277 15.54 11.48 2.94
C VAL A 277 14.59 12.52 3.57
N LYS A 278 13.66 13.05 2.77
CA LYS A 278 12.93 14.26 3.18
C LYS A 278 11.86 13.90 4.21
N PRO A 279 11.88 14.51 5.39
CA PRO A 279 10.82 14.30 6.37
C PRO A 279 9.46 14.45 5.67
N ASP A 280 8.49 13.61 6.02
CA ASP A 280 7.12 13.79 5.54
C ASP A 280 6.30 14.34 6.71
N VAL A 281 4.97 14.38 6.53
CA VAL A 281 4.12 14.94 7.55
C VAL A 281 4.16 14.07 8.83
N VAL A 282 4.45 12.78 8.69
CA VAL A 282 4.49 11.88 9.85
C VAL A 282 5.77 12.15 10.65
N THR A 283 6.83 12.47 9.93
CA THR A 283 8.08 12.86 10.61
C THR A 283 7.88 14.03 11.57
N TYR A 284 7.33 15.10 11.02
CA TYR A 284 7.11 16.31 11.79
C TYR A 284 6.16 16.03 12.95
N THR A 285 5.05 15.34 12.67
CA THR A 285 4.03 15.10 13.67
C THR A 285 4.63 14.26 14.81
N THR A 286 5.53 13.33 14.47
CA THR A 286 6.17 12.48 15.47
C THR A 286 7.07 13.30 16.37
N LEU A 287 7.79 14.25 15.76
CA LEU A 287 8.76 15.04 16.50
C LEU A 287 8.06 16.06 17.35
N ILE A 288 7.04 16.68 16.74
CA ILE A 288 6.24 17.64 17.49
C ILE A 288 5.64 17.00 18.76
N ASP A 289 5.06 15.82 18.61
CA ASP A 289 4.48 15.12 19.79
C ASP A 289 5.59 14.82 20.84
N GLY A 290 6.73 14.34 20.38
CA GLY A 290 7.79 14.00 21.32
C GLY A 290 8.28 15.22 22.07
N LEU A 291 8.51 16.31 21.33
CA LEU A 291 8.95 17.55 21.97
C LEU A 291 7.92 18.06 22.97
N ALA A 292 6.65 18.13 22.56
CA ALA A 292 5.59 18.57 23.46
C ALA A 292 5.56 17.72 24.74
N LYS A 293 5.63 16.39 24.59
CA LYS A 293 5.51 15.52 25.76
C LYS A 293 6.73 15.71 26.68
N ALA A 294 7.84 16.18 26.13
CA ALA A 294 9.07 16.40 26.94
C ALA A 294 9.11 17.82 27.50
N GLY A 295 8.02 18.57 27.33
CA GLY A 295 7.91 19.90 27.86
C GLY A 295 8.63 20.93 26.98
N ARG A 296 8.97 20.54 25.75
CA ARG A 296 9.65 21.42 24.80
C ARG A 296 8.65 21.94 23.75
N LEU A 297 7.64 22.65 24.22
CA LEU A 297 6.60 23.12 23.38
C LEU A 297 7.07 24.23 22.44
N GLU A 298 7.89 25.16 22.93
CA GLU A 298 8.39 26.23 22.06
C GLU A 298 9.07 25.61 20.85
N GLU A 299 9.84 24.53 21.08
CA GLU A 299 10.51 23.91 19.95
C GLU A 299 9.51 23.16 19.03
N ALA A 300 8.45 22.61 19.61
CA ALA A 300 7.47 21.90 18.80
C ALA A 300 6.76 22.92 17.93
N LEU A 301 6.46 24.10 18.50
CA LEU A 301 5.75 25.19 17.73
C LEU A 301 6.64 25.67 16.57
N GLN A 302 7.94 25.70 16.83
CA GLN A 302 8.90 26.16 15.82
C GLN A 302 8.96 25.13 14.67
N LEU A 303 8.88 23.82 15.00
CA LEU A 303 8.87 22.82 13.94
C LEU A 303 7.57 22.96 13.13
N PHE A 304 6.48 23.29 13.79
CA PHE A 304 5.20 23.40 13.08
C PHE A 304 5.35 24.52 12.02
N GLN A 305 5.94 25.64 12.43
CA GLN A 305 6.28 26.72 11.51
C GLN A 305 7.19 26.18 10.41
N GLU A 306 8.23 25.42 10.74
CA GLU A 306 9.16 24.95 9.71
C GLU A 306 8.44 24.08 8.69
N MET A 307 7.61 23.13 9.14
CA MET A 307 6.98 22.24 8.13
C MET A 307 6.11 23.03 7.14
N LYS A 308 5.40 24.05 7.62
CA LYS A 308 4.55 24.86 6.73
C LYS A 308 5.41 25.65 5.73
N GLU A 309 6.46 26.28 6.24
CA GLU A 309 7.43 27.07 5.45
C GLU A 309 8.01 26.18 4.32
N LYS A 310 8.22 24.89 4.65
CA LYS A 310 8.83 23.99 3.67
C LYS A 310 7.77 23.27 2.84
N GLY A 311 6.49 23.62 3.00
CA GLY A 311 5.44 23.09 2.12
C GLY A 311 4.98 21.69 2.51
N VAL A 312 5.36 21.23 3.70
CA VAL A 312 4.80 19.98 4.19
C VAL A 312 3.53 20.29 5.01
N LYS A 313 2.36 20.11 4.39
CA LYS A 313 1.05 20.45 4.98
C LYS A 313 0.73 19.65 6.24
N PRO A 314 0.42 20.30 7.35
CA PRO A 314 -0.08 19.59 8.52
C PRO A 314 -1.41 18.86 8.23
N ASP A 315 -1.66 17.78 8.96
CA ASP A 315 -2.91 17.05 8.85
C ASP A 315 -3.55 16.98 10.24
N VAL B 1 -0.53 4.01 -31.32
CA VAL B 1 -1.33 4.17 -30.09
C VAL B 1 -0.52 3.75 -28.86
N VAL B 2 0.36 2.77 -29.07
CA VAL B 2 1.17 2.22 -27.99
C VAL B 2 2.16 3.29 -27.50
N THR B 3 2.74 4.05 -28.41
CA THR B 3 3.63 5.19 -28.00
C THR B 3 2.91 6.18 -27.07
N TYR B 4 1.78 6.69 -27.55
CA TYR B 4 0.99 7.60 -26.73
C TYR B 4 0.58 6.91 -25.41
N ASN B 5 0.15 5.65 -25.48
CA ASN B 5 -0.31 4.98 -24.22
C ASN B 5 0.80 4.96 -23.17
N THR B 6 2.00 4.52 -23.60
CA THR B 6 3.16 4.37 -22.68
C THR B 6 3.53 5.72 -22.03
N LEU B 7 3.52 6.80 -22.81
CA LEU B 7 3.91 8.14 -22.33
C LEU B 7 2.88 8.68 -21.36
N ILE B 8 1.62 8.54 -21.76
CA ILE B 8 0.51 8.89 -20.92
C ILE B 8 0.67 8.20 -19.56
N ASP B 9 1.02 6.92 -19.58
CA ASP B 9 1.05 6.15 -18.34
C ASP B 9 2.24 6.62 -17.50
N GLY B 10 3.32 6.95 -18.19
CA GLY B 10 4.51 7.40 -17.52
C GLY B 10 4.21 8.75 -16.89
N LEU B 11 3.60 9.62 -17.68
CA LEU B 11 3.28 10.93 -17.10
C LEU B 11 2.33 10.80 -15.92
N ALA B 12 1.26 10.00 -16.06
CA ALA B 12 0.26 9.93 -14.93
C ALA B 12 0.97 9.45 -13.67
N LYS B 13 1.81 8.43 -13.82
CA LYS B 13 2.42 7.81 -12.66
C LYS B 13 3.41 8.78 -12.02
N ALA B 14 3.78 9.84 -12.74
CA ALA B 14 4.71 10.79 -12.13
C ALA B 14 3.92 11.99 -11.61
N GLY B 15 2.60 11.88 -11.61
CA GLY B 15 1.70 12.95 -11.14
C GLY B 15 1.48 14.05 -12.17
N ARG B 16 2.08 13.95 -13.37
CA ARG B 16 1.89 14.97 -14.42
C ARG B 16 0.63 14.68 -15.23
N LEU B 17 -0.52 14.72 -14.58
CA LEU B 17 -1.77 14.34 -15.24
C LEU B 17 -2.19 15.32 -16.36
N GLU B 18 -1.87 16.60 -16.21
CA GLU B 18 -2.36 17.55 -17.20
C GLU B 18 -1.59 17.36 -18.50
N GLU B 19 -0.28 17.04 -18.40
CA GLU B 19 0.45 16.74 -19.61
C GLU B 19 -0.18 15.49 -20.24
N ALA B 20 -0.50 14.50 -19.38
CA ALA B 20 -1.09 13.23 -19.85
C ALA B 20 -2.35 13.55 -20.64
N LEU B 21 -3.21 14.38 -20.05
CA LEU B 21 -4.51 14.71 -20.66
C LEU B 21 -4.24 15.48 -21.93
N GLN B 22 -3.15 16.25 -21.92
CA GLN B 22 -2.73 16.98 -23.12
C GLN B 22 -2.47 15.98 -24.26
N LEU B 23 -1.64 14.96 -23.97
CA LEU B 23 -1.23 13.99 -25.02
C LEU B 23 -2.48 13.26 -25.55
N PHE B 24 -3.40 12.91 -24.66
CA PHE B 24 -4.66 12.23 -24.99
C PHE B 24 -5.37 13.05 -26.06
N GLN B 25 -5.38 14.37 -25.87
CA GLN B 25 -6.01 15.29 -26.85
C GLN B 25 -5.16 15.29 -28.14
N GLU B 26 -3.85 15.38 -27.99
CA GLU B 26 -2.96 15.38 -29.20
C GLU B 26 -3.22 14.14 -30.07
N MET B 27 -3.27 12.94 -29.46
CA MET B 27 -3.34 11.71 -30.29
C MET B 27 -4.67 11.65 -31.06
N LYS B 28 -5.76 12.16 -30.47
CA LYS B 28 -7.06 12.25 -31.21
C LYS B 28 -6.94 13.25 -32.39
N GLU B 29 -6.42 14.44 -32.09
CA GLU B 29 -6.17 15.44 -33.17
C GLU B 29 -5.39 14.78 -34.31
N LYS B 30 -4.34 14.02 -33.97
CA LYS B 30 -3.40 13.51 -34.96
C LYS B 30 -3.89 12.19 -35.52
N GLY B 31 -5.14 11.81 -35.25
CA GLY B 31 -5.75 10.62 -35.90
C GLY B 31 -5.27 9.29 -35.32
N VAL B 32 -4.66 9.33 -34.14
CA VAL B 32 -4.28 8.10 -33.47
C VAL B 32 -5.31 7.80 -32.38
N LYS B 33 -6.20 6.87 -32.73
CA LYS B 33 -7.39 6.52 -31.95
C LYS B 33 -7.06 5.89 -30.59
N PRO B 34 -7.50 6.47 -29.46
CA PRO B 34 -7.43 5.77 -28.16
C PRO B 34 -8.04 4.37 -28.28
N ASP B 35 -7.42 3.37 -27.64
CA ASP B 35 -8.00 2.08 -27.51
C ASP B 35 -8.24 1.81 -26.04
N VAL B 36 -8.64 0.55 -25.71
CA VAL B 36 -9.10 0.23 -24.37
C VAL B 36 -7.99 0.47 -23.33
N VAL B 37 -6.73 0.29 -23.78
CA VAL B 37 -5.56 0.46 -22.89
C VAL B 37 -5.32 1.94 -22.60
N THR B 38 -5.53 2.80 -23.62
CA THR B 38 -5.43 4.23 -23.45
C THR B 38 -6.36 4.67 -22.32
N TYR B 39 -7.66 4.37 -22.48
CA TYR B 39 -8.66 4.74 -21.49
C TYR B 39 -8.32 4.11 -20.13
N ASN B 40 -7.91 2.84 -20.14
CA ASN B 40 -7.73 2.18 -18.82
C ASN B 40 -6.64 2.93 -18.07
N THR B 41 -5.58 3.26 -18.81
CA THR B 41 -4.44 3.94 -18.23
C THR B 41 -4.83 5.28 -17.66
N LEU B 42 -5.61 6.07 -18.41
CA LEU B 42 -6.06 7.44 -17.94
C LEU B 42 -7.02 7.34 -16.78
N ILE B 43 -7.92 6.36 -16.84
CA ILE B 43 -8.87 6.16 -15.76
C ILE B 43 -8.11 5.81 -14.48
N ASP B 44 -7.10 4.92 -14.58
CA ASP B 44 -6.33 4.53 -13.38
C ASP B 44 -5.50 5.73 -12.85
N GLY B 45 -4.90 6.50 -13.74
CA GLY B 45 -4.15 7.65 -13.29
C GLY B 45 -5.05 8.66 -12.61
N LEU B 46 -6.23 8.90 -13.17
CA LEU B 46 -7.10 9.89 -12.55
C LEU B 46 -7.59 9.43 -11.16
N ALA B 47 -8.03 8.19 -11.07
CA ALA B 47 -8.50 7.68 -9.76
C ALA B 47 -7.38 7.85 -8.72
N LYS B 48 -6.15 7.50 -9.09
CA LYS B 48 -5.09 7.47 -8.08
C LYS B 48 -4.70 8.88 -7.66
N ALA B 49 -5.01 9.85 -8.51
CA ALA B 49 -4.73 11.27 -8.30
C ALA B 49 -5.82 11.95 -7.47
N GLY B 50 -6.86 11.21 -7.09
CA GLY B 50 -7.95 11.76 -6.31
C GLY B 50 -9.08 12.30 -7.19
N ARG B 51 -9.04 11.94 -8.47
CA ARG B 51 -9.86 12.59 -9.46
C ARG B 51 -10.83 11.56 -10.08
N LEU B 52 -11.62 10.92 -9.19
CA LEU B 52 -12.47 9.84 -9.54
C LEU B 52 -13.60 10.30 -10.48
N GLU B 53 -14.13 11.51 -10.23
CA GLU B 53 -15.23 12.02 -11.07
C GLU B 53 -14.76 12.13 -12.52
N GLU B 54 -13.57 12.71 -12.78
CA GLU B 54 -13.15 12.77 -14.20
C GLU B 54 -12.89 11.37 -14.77
N ALA B 55 -12.48 10.45 -13.91
CA ALA B 55 -12.27 9.05 -14.36
C ALA B 55 -13.59 8.40 -14.77
N LEU B 56 -14.65 8.67 -14.00
CA LEU B 56 -15.97 8.21 -14.33
C LEU B 56 -16.46 8.89 -15.61
N GLN B 57 -16.06 10.14 -15.90
CA GLN B 57 -16.48 10.72 -17.20
C GLN B 57 -15.84 9.96 -18.37
N LEU B 58 -14.61 9.49 -18.19
CA LEU B 58 -13.86 8.93 -19.32
C LEU B 58 -14.41 7.53 -19.61
N PHE B 59 -14.90 6.86 -18.56
CA PHE B 59 -15.51 5.55 -18.68
C PHE B 59 -16.76 5.71 -19.54
N GLN B 60 -17.51 6.77 -19.26
CA GLN B 60 -18.75 7.04 -20.04
C GLN B 60 -18.31 7.34 -21.49
N GLU B 61 -17.22 8.12 -21.62
CA GLU B 61 -16.73 8.53 -22.97
C GLU B 61 -16.33 7.32 -23.82
N MET B 62 -15.75 6.29 -23.20
CA MET B 62 -15.25 5.19 -24.04
C MET B 62 -16.45 4.39 -24.55
N LYS B 63 -17.49 4.25 -23.71
CA LYS B 63 -18.71 3.54 -24.17
C LYS B 63 -19.36 4.37 -25.31
N GLU B 64 -19.51 5.70 -25.11
CA GLU B 64 -20.07 6.64 -26.12
C GLU B 64 -19.28 6.46 -27.42
N LYS B 65 -17.97 6.16 -27.29
CA LYS B 65 -17.05 6.11 -28.43
C LYS B 65 -16.93 4.68 -28.99
N GLY B 66 -17.68 3.70 -28.52
CA GLY B 66 -17.55 2.32 -29.08
C GLY B 66 -16.33 1.51 -28.58
N VAL B 67 -15.64 1.98 -27.53
CA VAL B 67 -14.46 1.26 -27.07
C VAL B 67 -14.84 0.49 -25.81
N LYS B 68 -15.11 -0.80 -26.02
CA LYS B 68 -15.70 -1.62 -24.94
C LYS B 68 -14.74 -1.75 -23.76
N PRO B 69 -15.22 -1.46 -22.55
CA PRO B 69 -14.47 -1.71 -21.34
C PRO B 69 -14.09 -3.19 -21.32
N ASP B 70 -12.94 -3.55 -20.71
CA ASP B 70 -12.53 -4.99 -20.61
C ASP B 70 -12.30 -5.29 -19.13
N VAL B 71 -11.86 -6.50 -18.77
CA VAL B 71 -11.75 -6.88 -17.37
C VAL B 71 -10.84 -5.88 -16.63
N VAL B 72 -9.80 -5.38 -17.31
CA VAL B 72 -8.89 -4.42 -16.67
C VAL B 72 -9.61 -3.08 -16.41
N THR B 73 -10.44 -2.63 -17.35
CA THR B 73 -11.25 -1.46 -17.11
C THR B 73 -12.08 -1.58 -15.83
N TYR B 74 -12.80 -2.68 -15.70
CA TYR B 74 -13.69 -2.85 -14.55
C TYR B 74 -12.85 -2.94 -13.24
N ASN B 75 -11.78 -3.73 -13.29
CA ASN B 75 -10.83 -3.90 -12.13
C ASN B 75 -10.37 -2.54 -11.69
N THR B 76 -9.92 -1.72 -12.65
CA THR B 76 -9.33 -0.45 -12.31
C THR B 76 -10.37 0.46 -11.63
N LEU B 77 -11.60 0.42 -12.13
CA LEU B 77 -12.70 1.26 -11.57
C LEU B 77 -13.15 0.75 -10.22
N ILE B 78 -13.23 -0.57 -10.11
CA ILE B 78 -13.67 -1.19 -8.84
C ILE B 78 -12.71 -0.80 -7.71
N ASP B 79 -11.40 -0.87 -8.00
CA ASP B 79 -10.34 -0.59 -7.02
C ASP B 79 -10.35 0.90 -6.63
N GLY B 80 -10.55 1.75 -7.63
CA GLY B 80 -10.67 3.20 -7.40
C GLY B 80 -11.90 3.53 -6.57
N LEU B 81 -13.07 3.00 -6.93
CA LEU B 81 -14.27 3.26 -6.08
C LEU B 81 -14.07 2.75 -4.65
N ALA B 82 -13.54 1.53 -4.53
CA ALA B 82 -13.34 0.94 -3.21
C ALA B 82 -12.42 1.82 -2.36
N LYS B 83 -11.34 2.33 -2.93
CA LYS B 83 -10.40 3.02 -2.12
C LYS B 83 -10.98 4.38 -1.75
N ALA B 84 -11.88 4.90 -2.54
CA ALA B 84 -12.40 6.22 -2.29
C ALA B 84 -13.63 6.09 -1.40
N GLY B 85 -13.81 4.91 -0.81
CA GLY B 85 -14.90 4.69 0.12
C GLY B 85 -16.25 4.46 -0.56
N ARG B 86 -16.24 4.11 -1.85
CA ARG B 86 -17.51 3.93 -2.54
C ARG B 86 -17.72 2.45 -2.90
N LEU B 87 -17.83 1.62 -1.86
CA LEU B 87 -17.76 0.19 -2.04
C LEU B 87 -19.04 -0.33 -2.72
N GLU B 88 -20.15 0.36 -2.50
CA GLU B 88 -21.42 -0.17 -2.95
C GLU B 88 -21.45 -0.04 -4.47
N GLU B 89 -20.96 1.09 -4.98
CA GLU B 89 -20.88 1.26 -6.43
C GLU B 89 -19.88 0.27 -7.04
N ALA B 90 -18.77 0.01 -6.34
CA ALA B 90 -17.81 -0.99 -6.85
C ALA B 90 -18.52 -2.34 -6.97
N LEU B 91 -19.32 -2.69 -5.96
CA LEU B 91 -20.01 -4.04 -5.96
C LEU B 91 -21.01 -4.12 -7.12
N GLN B 92 -21.60 -2.97 -7.47
CA GLN B 92 -22.55 -2.90 -8.56
C GLN B 92 -21.83 -2.99 -9.90
N LEU B 93 -20.59 -2.48 -10.00
CA LEU B 93 -19.84 -2.64 -11.24
C LEU B 93 -19.50 -4.13 -11.41
N PHE B 94 -19.19 -4.80 -10.32
CA PHE B 94 -18.83 -6.23 -10.41
C PHE B 94 -20.04 -7.04 -10.92
N GLN B 95 -21.23 -6.70 -10.43
CA GLN B 95 -22.48 -7.31 -10.94
C GLN B 95 -22.55 -6.96 -12.44
N GLU B 96 -22.35 -5.68 -12.78
CA GLU B 96 -22.55 -5.24 -14.17
C GLU B 96 -21.57 -5.97 -15.10
N MET B 97 -20.33 -6.23 -14.67
CA MET B 97 -19.41 -6.87 -15.59
C MET B 97 -19.87 -8.32 -15.87
N LYS B 98 -20.36 -9.03 -14.85
CA LYS B 98 -20.76 -10.42 -14.99
C LYS B 98 -21.96 -10.48 -15.96
N GLU B 99 -22.92 -9.54 -15.77
CA GLU B 99 -24.16 -9.39 -16.59
C GLU B 99 -23.80 -9.11 -18.05
N LYS B 100 -22.60 -8.57 -18.28
CA LYS B 100 -22.17 -8.20 -19.64
C LYS B 100 -21.19 -9.24 -20.18
N GLY B 101 -20.96 -10.33 -19.45
CA GLY B 101 -20.08 -11.35 -19.98
C GLY B 101 -18.61 -10.90 -19.96
N VAL B 102 -18.23 -9.93 -19.11
CA VAL B 102 -16.82 -9.68 -18.85
C VAL B 102 -16.40 -10.43 -17.58
N LYS B 103 -15.78 -11.61 -17.80
CA LYS B 103 -15.38 -12.61 -16.74
C LYS B 103 -14.40 -11.94 -15.76
N PRO B 104 -14.80 -11.76 -14.48
CA PRO B 104 -13.87 -11.44 -13.38
C PRO B 104 -12.69 -12.40 -13.27
N ASP B 105 -11.51 -11.87 -12.88
CA ASP B 105 -10.37 -12.76 -12.84
C ASP B 105 -9.81 -12.65 -11.43
N VAL B 106 -8.69 -13.32 -11.20
CA VAL B 106 -8.10 -13.34 -9.90
C VAL B 106 -7.88 -11.90 -9.41
N VAL B 107 -7.46 -10.99 -10.31
CA VAL B 107 -7.32 -9.56 -9.89
C VAL B 107 -8.67 -8.94 -9.49
N THR B 108 -9.75 -9.27 -10.22
CA THR B 108 -11.06 -8.81 -9.87
C THR B 108 -11.39 -9.23 -8.42
N TYR B 109 -11.33 -10.54 -8.16
CA TYR B 109 -11.64 -11.06 -6.82
C TYR B 109 -10.67 -10.47 -5.78
N ASN B 110 -9.39 -10.39 -6.14
CA ASN B 110 -8.42 -9.84 -5.17
C ASN B 110 -8.78 -8.41 -4.76
N THR B 111 -9.03 -7.56 -5.75
CA THR B 111 -9.36 -6.14 -5.50
C THR B 111 -10.55 -6.01 -4.55
N LEU B 112 -11.58 -6.81 -4.79
CA LEU B 112 -12.80 -6.74 -4.05
C LEU B 112 -12.60 -7.25 -2.63
N ILE B 113 -11.94 -8.39 -2.52
CA ILE B 113 -11.66 -8.98 -1.20
C ILE B 113 -10.92 -7.95 -0.34
N ASP B 114 -9.93 -7.27 -0.94
CA ASP B 114 -9.17 -6.27 -0.20
C ASP B 114 -10.11 -5.13 0.20
N GLY B 115 -10.95 -4.69 -0.73
CA GLY B 115 -11.80 -3.52 -0.42
C GLY B 115 -12.83 -3.90 0.66
N LEU B 116 -13.32 -5.13 0.61
CA LEU B 116 -14.30 -5.58 1.61
C LEU B 116 -13.64 -5.73 2.98
N ALA B 117 -12.45 -6.34 3.00
CA ALA B 117 -11.74 -6.54 4.30
C ALA B 117 -11.49 -5.18 4.97
N LYS B 118 -11.04 -4.21 4.17
CA LYS B 118 -10.63 -2.95 4.72
C LYS B 118 -11.86 -2.16 5.18
N ALA B 119 -13.03 -2.55 4.70
CA ALA B 119 -14.26 -1.84 5.07
C ALA B 119 -14.94 -2.49 6.27
N GLY B 120 -14.36 -3.59 6.78
CA GLY B 120 -14.81 -4.32 7.95
C GLY B 120 -15.65 -5.53 7.59
N ARG B 121 -15.81 -5.80 6.28
CA ARG B 121 -16.77 -6.79 5.84
C ARG B 121 -16.02 -8.08 5.50
N LEU B 122 -15.35 -8.58 6.55
CA LEU B 122 -14.50 -9.70 6.32
C LEU B 122 -15.28 -10.98 5.93
N GLU B 123 -16.55 -11.09 6.33
CA GLU B 123 -17.26 -12.40 6.11
C GLU B 123 -17.65 -12.54 4.61
N GLU B 124 -18.00 -11.34 4.08
CA GLU B 124 -18.26 -11.19 2.64
C GLU B 124 -16.99 -11.49 1.84
N ALA B 125 -15.85 -10.96 2.32
CA ALA B 125 -14.59 -11.20 1.66
C ALA B 125 -14.34 -12.71 1.58
N LEU B 126 -14.56 -13.38 2.72
CA LEU B 126 -14.33 -14.81 2.78
C LEU B 126 -15.32 -15.54 1.87
N GLN B 127 -16.53 -15.01 1.76
CA GLN B 127 -17.51 -15.61 0.81
C GLN B 127 -16.94 -15.56 -0.61
N LEU B 128 -16.39 -14.40 -1.01
CA LEU B 128 -15.88 -14.26 -2.38
C LEU B 128 -14.73 -15.24 -2.62
N PHE B 129 -13.92 -15.46 -1.58
CA PHE B 129 -12.81 -16.38 -1.59
C PHE B 129 -13.31 -17.80 -1.91
N GLN B 130 -14.38 -18.17 -1.20
CA GLN B 130 -15.11 -19.40 -1.47
C GLN B 130 -15.56 -19.36 -2.94
N GLU B 131 -16.22 -18.28 -3.30
CA GLU B 131 -16.87 -18.15 -4.62
C GLU B 131 -15.87 -18.27 -5.78
N MET B 132 -14.68 -17.65 -5.65
CA MET B 132 -13.73 -17.70 -6.75
C MET B 132 -13.25 -19.15 -6.90
N LYS B 133 -13.27 -19.88 -5.77
CA LYS B 133 -12.85 -21.29 -5.74
C LYS B 133 -13.89 -22.14 -6.48
N GLU B 134 -15.18 -21.93 -6.17
CA GLU B 134 -16.26 -22.68 -6.82
C GLU B 134 -16.34 -22.27 -8.30
N LYS B 135 -15.81 -21.08 -8.64
CA LYS B 135 -15.91 -20.59 -10.03
C LYS B 135 -14.67 -20.98 -10.81
N GLY B 136 -13.70 -21.66 -10.17
CA GLY B 136 -12.46 -22.12 -10.83
C GLY B 136 -11.43 -21.00 -11.05
N VAL B 137 -11.60 -19.87 -10.38
CA VAL B 137 -10.59 -18.81 -10.44
C VAL B 137 -9.62 -18.96 -9.25
N LYS B 138 -8.44 -19.53 -9.54
CA LYS B 138 -7.51 -19.99 -8.52
C LYS B 138 -6.88 -18.82 -7.73
N PRO B 139 -7.01 -18.84 -6.39
CA PRO B 139 -6.33 -17.87 -5.56
C PRO B 139 -4.83 -17.93 -5.87
N ASP B 140 -4.17 -16.77 -5.80
CA ASP B 140 -2.72 -16.64 -6.07
C ASP B 140 -2.03 -16.04 -4.84
N VAL B 141 -0.74 -15.70 -4.92
CA VAL B 141 -0.02 -15.34 -3.69
C VAL B 141 -0.65 -14.05 -3.11
N VAL B 142 -1.20 -13.24 -4.02
CA VAL B 142 -1.79 -12.01 -3.67
C VAL B 142 -3.12 -12.23 -2.97
N THR B 143 -3.94 -13.16 -3.46
CA THR B 143 -5.24 -13.46 -2.75
C THR B 143 -4.91 -13.78 -1.28
N TYR B 144 -3.97 -14.70 -1.12
CA TYR B 144 -3.63 -15.22 0.24
C TYR B 144 -3.13 -14.06 1.10
N ASN B 145 -2.21 -13.29 0.52
CA ASN B 145 -1.59 -12.15 1.30
C ASN B 145 -2.71 -11.22 1.75
N THR B 146 -3.67 -10.98 0.86
CA THR B 146 -4.72 -9.97 1.14
C THR B 146 -5.56 -10.45 2.32
N LEU B 147 -5.87 -11.74 2.28
CA LEU B 147 -6.74 -12.30 3.30
C LEU B 147 -6.00 -12.44 4.65
N ILE B 148 -4.78 -12.94 4.59
CA ILE B 148 -3.96 -13.05 5.77
C ILE B 148 -3.89 -11.68 6.46
N ASP B 149 -3.75 -10.58 5.69
CA ASP B 149 -3.63 -9.23 6.29
C ASP B 149 -4.96 -8.79 6.91
N GLY B 150 -6.06 -9.10 6.20
CA GLY B 150 -7.38 -8.64 6.60
C GLY B 150 -7.79 -9.32 7.89
N LEU B 151 -7.47 -10.61 7.98
CA LEU B 151 -7.79 -11.40 9.15
C LEU B 151 -7.03 -10.90 10.39
N ALA B 152 -5.71 -10.74 10.23
CA ALA B 152 -4.84 -10.33 11.33
C ALA B 152 -5.35 -9.00 11.85
N LYS B 153 -5.61 -8.07 10.92
CA LYS B 153 -5.97 -6.77 11.37
C LYS B 153 -7.35 -6.76 12.05
N ALA B 154 -8.17 -7.79 11.78
CA ALA B 154 -9.48 -7.91 12.44
C ALA B 154 -9.33 -8.67 13.74
N GLY B 155 -8.09 -8.98 14.11
CA GLY B 155 -7.80 -9.67 15.35
C GLY B 155 -8.13 -11.14 15.24
N ARG B 156 -8.20 -11.63 14.00
CA ARG B 156 -8.45 -13.02 13.74
C ARG B 156 -7.15 -13.69 13.28
N LEU B 157 -6.10 -13.57 14.11
CA LEU B 157 -4.76 -14.04 13.69
C LEU B 157 -4.69 -15.57 13.55
N GLU B 158 -5.53 -16.30 14.29
CA GLU B 158 -5.45 -17.78 14.21
C GLU B 158 -5.85 -18.31 12.77
N GLU B 159 -6.99 -17.70 12.27
CA GLU B 159 -7.43 -17.98 10.88
C GLU B 159 -6.30 -17.60 9.91
N ALA B 160 -5.80 -16.38 10.10
CA ALA B 160 -4.70 -15.89 9.28
C ALA B 160 -3.58 -16.93 9.17
N LEU B 161 -3.19 -17.53 10.32
CA LEU B 161 -2.14 -18.55 10.29
C LEU B 161 -2.65 -19.86 9.68
N GLN B 162 -3.94 -20.18 9.86
CA GLN B 162 -4.45 -21.41 9.21
C GLN B 162 -4.23 -21.24 7.70
N LEU B 163 -4.65 -20.07 7.23
CA LEU B 163 -4.64 -19.72 5.81
C LEU B 163 -3.22 -19.79 5.26
N PHE B 164 -2.20 -19.48 6.06
CA PHE B 164 -0.76 -19.52 5.63
C PHE B 164 -0.36 -20.98 5.44
N GLU B 165 -1.07 -21.82 6.20
CA GLU B 165 -0.96 -23.27 6.16
C GLU B 165 -1.49 -23.72 4.78
N GLU B 166 -2.82 -23.46 4.60
CA GLU B 166 -3.57 -23.82 3.38
C GLU B 166 -2.69 -23.47 2.16
N MET B 167 -2.07 -22.28 2.23
CA MET B 167 -1.36 -21.63 1.11
C MET B 167 -0.19 -22.51 0.70
N LYS B 168 0.67 -22.80 1.69
CA LYS B 168 1.89 -23.59 1.50
C LYS B 168 1.50 -24.99 0.98
N GLU B 169 0.35 -25.49 1.43
CA GLU B 169 -0.12 -26.82 1.06
C GLU B 169 -0.64 -26.89 -0.37
N LYS B 170 -1.12 -25.77 -0.95
CA LYS B 170 -1.64 -25.81 -2.32
C LYS B 170 -0.58 -25.30 -3.30
N GLY B 171 0.68 -25.20 -2.84
CA GLY B 171 1.76 -24.87 -3.72
C GLY B 171 1.82 -23.39 -4.05
N VAL B 172 1.09 -22.55 -3.30
CA VAL B 172 1.29 -21.12 -3.43
C VAL B 172 2.46 -20.64 -2.55
N LYS B 173 3.61 -20.38 -3.17
CA LYS B 173 4.80 -20.04 -2.42
C LYS B 173 4.62 -18.68 -1.76
N PRO B 174 4.61 -18.58 -0.42
CA PRO B 174 4.65 -17.30 0.26
C PRO B 174 5.79 -16.48 -0.32
N ASP B 175 5.62 -15.15 -0.40
CA ASP B 175 6.73 -14.28 -0.92
C ASP B 175 7.07 -13.28 0.19
N VAL B 176 7.83 -12.22 -0.13
CA VAL B 176 8.30 -11.30 0.88
C VAL B 176 7.09 -10.57 1.53
N VAL B 177 6.04 -10.38 0.73
CA VAL B 177 4.90 -9.68 1.24
C VAL B 177 4.16 -10.56 2.26
N THR B 178 3.99 -11.84 1.95
CA THR B 178 3.41 -12.81 2.93
C THR B 178 4.16 -12.74 4.27
N TYR B 179 5.50 -12.89 4.22
CA TYR B 179 6.30 -12.89 5.44
C TYR B 179 6.13 -11.53 6.14
N ASN B 180 6.23 -10.42 5.38
CA ASN B 180 6.12 -9.14 5.98
C ASN B 180 4.76 -9.00 6.67
N THR B 181 3.68 -9.43 6.02
CA THR B 181 2.35 -9.28 6.62
C THR B 181 2.20 -10.06 7.94
N LEU B 182 2.63 -11.30 7.93
CA LEU B 182 2.54 -12.24 9.11
C LEU B 182 3.47 -11.76 10.22
N ILE B 183 4.67 -11.32 9.86
CA ILE B 183 5.58 -10.70 10.89
C ILE B 183 4.90 -9.55 11.63
N ASP B 184 4.29 -8.62 10.89
CA ASP B 184 3.61 -7.48 11.51
C ASP B 184 2.43 -7.95 12.38
N GLY B 185 1.72 -8.97 11.93
CA GLY B 185 0.49 -9.33 12.59
C GLY B 185 0.82 -10.00 13.91
N LEU B 186 1.91 -10.77 13.89
CA LEU B 186 2.40 -11.51 15.07
C LEU B 186 2.94 -10.51 16.10
N ALA B 187 3.76 -9.58 15.58
CA ALA B 187 4.37 -8.55 16.45
C ALA B 187 3.26 -7.76 17.15
N LYS B 188 2.27 -7.31 16.36
CA LYS B 188 1.24 -6.45 16.93
C LYS B 188 0.38 -7.24 17.92
N ALA B 189 0.34 -8.56 17.77
CA ALA B 189 -0.42 -9.38 18.72
C ALA B 189 0.45 -9.79 19.92
N GLY B 190 1.66 -9.24 20.04
CA GLY B 190 2.47 -9.57 21.18
C GLY B 190 3.16 -10.93 21.06
N ARG B 191 3.32 -11.42 19.83
CA ARG B 191 4.02 -12.66 19.55
C ARG B 191 5.33 -12.36 18.81
N LEU B 192 6.20 -11.55 19.44
CA LEU B 192 7.39 -11.05 18.83
C LEU B 192 8.40 -12.18 18.54
N GLU B 193 8.49 -13.17 19.43
CA GLU B 193 9.43 -14.33 19.24
C GLU B 193 9.11 -15.13 17.98
N GLU B 194 7.82 -15.38 17.73
CA GLU B 194 7.41 -16.07 16.49
C GLU B 194 7.69 -15.15 15.30
N ALA B 195 7.52 -13.84 15.48
CA ALA B 195 7.80 -13.01 14.34
C ALA B 195 9.30 -13.07 14.00
N LEU B 196 10.16 -13.03 15.00
CA LEU B 196 11.64 -13.08 14.75
C LEU B 196 12.09 -14.45 14.21
N GLN B 197 11.32 -15.50 14.49
CA GLN B 197 11.60 -16.87 13.95
C GLN B 197 11.19 -16.89 12.49
N LEU B 198 10.10 -16.16 12.18
CA LEU B 198 9.70 -16.07 10.78
C LEU B 198 10.71 -15.24 10.02
N PHE B 199 11.24 -14.21 10.63
CA PHE B 199 12.34 -13.47 10.00
C PHE B 199 13.51 -14.42 9.63
N GLN B 200 13.82 -15.38 10.52
CA GLN B 200 14.96 -16.26 10.31
C GLN B 200 14.59 -17.21 9.18
N GLU B 201 13.34 -17.68 9.18
CA GLU B 201 12.90 -18.65 8.23
C GLU B 201 12.89 -18.11 6.79
N MET B 202 12.40 -16.87 6.59
CA MET B 202 12.35 -16.32 5.23
C MET B 202 13.79 -16.21 4.71
N LYS B 203 14.78 -15.96 5.60
CA LYS B 203 16.17 -15.85 5.14
C LYS B 203 16.66 -17.25 4.71
N GLU B 204 16.36 -18.27 5.52
CA GLU B 204 16.65 -19.66 5.13
C GLU B 204 16.01 -20.02 3.77
N LYS B 205 14.73 -19.66 3.52
CA LYS B 205 14.02 -19.95 2.26
C LYS B 205 14.52 -19.07 1.11
N GLY B 206 15.53 -18.24 1.34
CA GLY B 206 16.09 -17.37 0.30
C GLY B 206 15.16 -16.24 -0.10
N VAL B 207 14.17 -15.90 0.75
CA VAL B 207 13.20 -14.80 0.50
C VAL B 207 13.74 -13.58 1.24
N LYS B 208 14.42 -12.71 0.48
CA LYS B 208 15.22 -11.60 0.99
C LYS B 208 14.36 -10.56 1.69
N PRO B 209 14.63 -10.26 2.98
CA PRO B 209 14.00 -9.12 3.64
C PRO B 209 14.21 -7.86 2.80
N ASP B 210 13.21 -6.97 2.80
CA ASP B 210 13.29 -5.70 2.09
C ASP B 210 13.09 -4.58 3.10
N VAL B 211 12.95 -3.33 2.67
CA VAL B 211 12.88 -2.27 3.63
C VAL B 211 11.69 -2.47 4.57
N VAL B 212 10.59 -2.94 4.01
CA VAL B 212 9.31 -3.10 4.73
C VAL B 212 9.54 -4.11 5.83
N THR B 213 10.29 -5.18 5.52
CA THR B 213 10.57 -6.19 6.49
C THR B 213 11.28 -5.57 7.70
N TYR B 214 12.42 -4.91 7.45
CA TYR B 214 13.17 -4.30 8.52
C TYR B 214 12.31 -3.25 9.27
N ASN B 215 11.52 -2.48 8.53
CA ASN B 215 10.77 -1.36 9.15
C ASN B 215 9.80 -1.97 10.20
N THR B 216 9.14 -3.06 9.80
CA THR B 216 8.17 -3.74 10.55
C THR B 216 8.75 -4.31 11.85
N LEU B 217 9.94 -4.90 11.77
CA LEU B 217 10.54 -5.51 12.99
C LEU B 217 11.11 -4.42 13.90
N ILE B 218 11.67 -3.38 13.27
CA ILE B 218 12.20 -2.25 13.99
C ILE B 218 11.10 -1.66 14.86
N ASP B 219 9.91 -1.46 14.27
CA ASP B 219 8.77 -0.88 15.00
C ASP B 219 8.33 -1.84 16.12
N GLY B 220 8.27 -3.12 15.75
CA GLY B 220 7.83 -4.19 16.65
C GLY B 220 8.76 -4.30 17.83
N LEU B 221 10.08 -4.19 17.59
CA LEU B 221 11.04 -4.26 18.70
C LEU B 221 10.94 -2.99 19.56
N ALA B 222 10.79 -1.83 18.91
CA ALA B 222 10.76 -0.57 19.66
C ALA B 222 9.60 -0.59 20.66
N LYS B 223 8.44 -1.04 20.18
CA LYS B 223 7.24 -0.90 20.94
C LYS B 223 7.24 -1.95 22.06
N ALA B 224 8.09 -2.95 21.91
CA ALA B 224 8.18 -3.99 22.93
C ALA B 224 9.26 -3.64 23.96
N GLY B 225 9.89 -2.47 23.80
CA GLY B 225 10.89 -1.98 24.73
C GLY B 225 12.27 -2.55 24.47
N ARG B 226 12.48 -3.09 23.27
CA ARG B 226 13.74 -3.61 22.85
C ARG B 226 14.45 -2.66 21.86
N LEU B 227 14.67 -1.43 22.31
CA LEU B 227 15.22 -0.40 21.45
C LEU B 227 16.63 -0.71 20.94
N GLU B 228 17.40 -1.44 21.76
CA GLU B 228 18.80 -1.71 21.39
C GLU B 228 18.83 -2.63 20.17
N GLU B 229 17.97 -3.65 20.21
CA GLU B 229 17.91 -4.57 19.06
C GLU B 229 17.43 -3.79 17.83
N ALA B 230 16.36 -3.01 18.03
CA ALA B 230 15.85 -2.18 16.91
C ALA B 230 17.02 -1.37 16.32
N LEU B 231 17.86 -0.76 17.18
CA LEU B 231 18.94 0.10 16.59
C LEU B 231 19.94 -0.82 15.90
N GLN B 232 20.03 -2.05 16.40
CA GLN B 232 20.92 -3.07 15.76
C GLN B 232 20.46 -3.37 14.32
N LEU B 233 19.15 -3.53 14.12
CA LEU B 233 18.60 -3.91 12.82
C LEU B 233 18.77 -2.74 11.85
N PHE B 234 18.63 -1.52 12.37
CA PHE B 234 18.88 -0.30 11.61
C PHE B 234 20.30 -0.35 11.03
N GLU B 235 21.32 -0.52 11.88
CA GLU B 235 22.70 -0.59 11.40
C GLU B 235 22.77 -1.76 10.40
N GLU B 236 22.20 -2.91 10.82
CA GLU B 236 22.30 -4.12 9.97
C GLU B 236 21.79 -3.83 8.55
N MET B 237 20.54 -3.34 8.41
CA MET B 237 19.97 -3.22 7.07
C MET B 237 20.84 -2.27 6.25
N LYS B 238 21.47 -1.26 6.87
CA LYS B 238 22.33 -0.39 6.09
C LYS B 238 23.53 -1.21 5.58
N GLU B 239 24.12 -2.02 6.46
CA GLU B 239 25.30 -2.85 6.15
C GLU B 239 25.00 -3.86 5.04
N LYS B 240 23.72 -4.04 4.71
CA LYS B 240 23.27 -5.09 3.82
C LYS B 240 22.71 -4.41 2.56
N GLY B 241 22.95 -3.10 2.44
CA GLY B 241 22.53 -2.34 1.28
C GLY B 241 21.01 -2.22 1.15
N VAL B 242 20.24 -2.44 2.23
CA VAL B 242 18.76 -2.14 2.27
C VAL B 242 18.56 -0.75 2.88
N LYS B 243 18.28 0.24 2.00
CA LYS B 243 18.37 1.69 2.37
C LYS B 243 17.22 2.04 3.32
N PRO B 244 17.49 2.57 4.51
CA PRO B 244 16.40 3.11 5.29
C PRO B 244 15.63 4.12 4.41
N ASP B 245 14.31 4.15 4.58
CA ASP B 245 13.50 5.13 3.91
C ASP B 245 12.85 6.03 4.97
N VAL B 246 11.88 6.85 4.55
CA VAL B 246 11.34 7.86 5.47
C VAL B 246 10.63 7.10 6.61
N VAL B 247 10.01 6.00 6.26
CA VAL B 247 9.25 5.25 7.26
C VAL B 247 10.22 4.72 8.32
N THR B 248 11.33 4.14 7.87
CA THR B 248 12.33 3.61 8.77
C THR B 248 12.76 4.67 9.78
N TYR B 249 13.12 5.87 9.27
CA TYR B 249 13.50 6.96 10.16
C TYR B 249 12.35 7.36 11.11
N ASN B 250 11.14 7.56 10.56
CA ASN B 250 10.03 8.03 11.47
C ASN B 250 9.79 7.03 12.62
N THR B 251 9.83 5.75 12.25
CA THR B 251 9.62 4.68 13.22
C THR B 251 10.63 4.75 14.36
N LEU B 252 11.89 4.95 13.99
CA LEU B 252 12.97 5.00 14.97
C LEU B 252 12.94 6.31 15.80
N ILE B 253 12.65 7.41 15.14
CA ILE B 253 12.44 8.67 15.85
C ILE B 253 11.34 8.52 16.90
N ASP B 254 10.21 7.93 16.48
CA ASP B 254 9.12 7.79 17.41
C ASP B 254 9.55 6.87 18.57
N GLY B 255 10.22 5.77 18.28
CA GLY B 255 10.59 4.85 19.43
C GLY B 255 11.63 5.45 20.39
N LEU B 256 12.62 6.14 19.83
CA LEU B 256 13.57 6.89 20.66
C LEU B 256 12.83 7.91 21.54
N ALA B 257 11.92 8.67 20.96
CA ALA B 257 11.22 9.73 21.74
C ALA B 257 10.37 9.15 22.88
N LYS B 258 9.59 8.10 22.62
CA LYS B 258 8.73 7.54 23.66
C LYS B 258 9.58 6.88 24.75
N ALA B 259 10.81 6.54 24.40
CA ALA B 259 11.75 5.86 25.34
C ALA B 259 12.52 6.91 26.17
N GLY B 260 12.21 8.19 25.97
CA GLY B 260 12.89 9.18 26.76
C GLY B 260 14.16 9.67 26.08
N ARG B 261 14.44 9.21 24.85
CA ARG B 261 15.74 9.41 24.23
C ARG B 261 15.65 10.41 23.08
N LEU B 262 15.21 11.61 23.40
CA LEU B 262 14.87 12.66 22.44
C LEU B 262 16.08 13.25 21.72
N GLU B 263 17.23 13.36 22.40
CA GLU B 263 18.35 13.96 21.66
C GLU B 263 18.77 12.94 20.60
N GLU B 264 18.59 11.65 20.85
CA GLU B 264 18.96 10.71 19.76
C GLU B 264 18.00 10.86 18.56
N ALA B 265 16.74 11.05 18.90
CA ALA B 265 15.73 11.16 17.91
C ALA B 265 16.01 12.40 17.07
N LEU B 266 16.32 13.54 17.73
CA LEU B 266 16.61 14.80 17.00
C LEU B 266 17.88 14.63 16.15
N GLN B 267 18.80 13.80 16.62
CA GLN B 267 19.97 13.43 15.80
C GLN B 267 19.54 12.78 14.48
N LEU B 268 18.59 11.84 14.53
CA LEU B 268 18.23 11.07 13.33
C LEU B 268 17.49 12.01 12.35
N PHE B 269 16.76 12.97 12.92
CA PHE B 269 16.04 13.90 12.10
C PHE B 269 17.04 14.66 11.23
N GLU B 270 18.13 15.10 11.87
CA GLU B 270 19.27 15.74 11.21
C GLU B 270 19.82 14.83 10.13
N GLU B 271 20.24 13.64 10.61
CA GLU B 271 20.88 12.59 9.80
C GLU B 271 20.07 12.33 8.53
N MET B 272 18.72 12.26 8.63
CA MET B 272 17.94 11.84 7.45
C MET B 272 17.93 13.03 6.49
N LYS B 273 18.00 14.22 7.09
CA LYS B 273 18.07 15.40 6.28
C LYS B 273 19.39 15.34 5.49
N GLU B 274 20.52 15.23 6.19
CA GLU B 274 21.83 15.08 5.55
C GLU B 274 21.72 14.10 4.39
N LYS B 275 21.06 12.95 4.60
CA LYS B 275 21.15 11.83 3.66
C LYS B 275 20.08 11.92 2.57
N GLY B 276 19.46 13.10 2.45
CA GLY B 276 18.47 13.41 1.41
C GLY B 276 17.16 12.62 1.54
N VAL B 277 16.83 12.15 2.74
CA VAL B 277 15.54 11.45 2.93
C VAL B 277 14.60 12.48 3.58
N LYS B 278 13.68 13.05 2.79
CA LYS B 278 12.97 14.27 3.20
C LYS B 278 11.92 13.91 4.26
N PRO B 279 11.93 14.58 5.41
CA PRO B 279 10.86 14.44 6.40
C PRO B 279 9.47 14.68 5.80
N ASP B 280 8.49 13.84 6.14
CA ASP B 280 7.19 14.00 5.61
C ASP B 280 6.26 14.44 6.74
N VAL B 281 4.96 14.50 6.48
CA VAL B 281 4.05 14.97 7.53
C VAL B 281 4.13 14.07 8.78
N VAL B 282 4.44 12.78 8.63
CA VAL B 282 4.47 11.87 9.77
C VAL B 282 5.74 12.12 10.59
N THR B 283 6.83 12.45 9.89
CA THR B 283 8.07 12.83 10.57
C THR B 283 7.88 14.00 11.54
N TYR B 284 7.36 15.09 10.99
CA TYR B 284 7.15 16.29 11.77
C TYR B 284 6.19 16.00 12.92
N ASN B 285 5.14 15.25 12.63
CA ASN B 285 4.07 15.05 13.64
C ASN B 285 4.64 14.32 14.84
N THR B 286 5.51 13.33 14.56
CA THR B 286 6.16 12.49 15.58
C THR B 286 7.08 13.33 16.44
N LEU B 287 7.80 14.25 15.80
CA LEU B 287 8.77 15.06 16.51
C LEU B 287 8.06 16.08 17.37
N ILE B 288 7.04 16.70 16.76
CA ILE B 288 6.24 17.65 17.50
C ILE B 288 5.64 17.01 18.76
N ASP B 289 5.05 15.82 18.62
CA ASP B 289 4.48 15.12 19.79
C ASP B 289 5.59 14.82 20.84
N GLY B 290 6.73 14.34 20.38
CA GLY B 290 7.79 14.00 21.32
C GLY B 290 8.28 15.22 22.07
N LEU B 291 8.51 16.31 21.33
CA LEU B 291 8.95 17.55 21.97
C LEU B 291 7.92 18.07 22.97
N ALA B 292 6.65 18.13 22.56
CA ALA B 292 5.59 18.57 23.46
C ALA B 292 5.56 17.72 24.74
N LYS B 293 5.63 16.39 24.59
CA LYS B 293 5.51 15.52 25.76
C LYS B 293 6.73 15.71 26.68
N ALA B 294 7.84 16.18 26.13
CA ALA B 294 9.06 16.39 26.95
C ALA B 294 9.11 17.82 27.50
N GLY B 295 8.02 18.57 27.33
CA GLY B 295 7.91 19.90 27.86
C GLY B 295 8.65 20.91 26.99
N ARG B 296 8.98 20.54 25.75
CA ARG B 296 9.65 21.42 24.80
C ARG B 296 8.65 21.94 23.75
N LEU B 297 7.64 22.65 24.22
CA LEU B 297 6.60 23.12 23.38
C LEU B 297 7.07 24.23 22.44
N GLU B 298 7.89 25.16 22.93
CA GLU B 298 8.39 26.23 22.06
C GLU B 298 9.07 25.61 20.85
N GLU B 299 9.84 24.53 21.08
CA GLU B 299 10.51 23.91 19.95
C GLU B 299 9.51 23.16 19.03
N ALA B 300 8.45 22.61 19.61
CA ALA B 300 7.47 21.90 18.80
C ALA B 300 6.76 22.92 17.93
N LEU B 301 6.46 24.10 18.50
CA LEU B 301 5.75 25.19 17.73
C LEU B 301 6.64 25.67 16.57
N GLN B 302 7.94 25.70 16.83
CA GLN B 302 8.90 26.16 15.82
C GLN B 302 8.96 25.13 14.67
N LEU B 303 8.88 23.82 15.00
CA LEU B 303 8.87 22.82 13.94
C LEU B 303 7.57 22.96 13.13
N PHE B 304 6.48 23.29 13.79
CA PHE B 304 5.21 23.40 13.08
C PHE B 304 5.35 24.52 12.02
N GLN B 305 5.94 25.64 12.43
CA GLN B 305 6.28 26.72 11.51
C GLN B 305 7.19 26.18 10.41
N GLU B 306 8.23 25.42 10.74
CA GLU B 306 9.16 24.95 9.71
C GLU B 306 8.44 24.08 8.69
N MET B 307 7.61 23.13 9.14
CA MET B 307 6.98 22.24 8.13
C MET B 307 6.11 23.03 7.14
N LYS B 308 5.40 24.05 7.62
CA LYS B 308 4.55 24.86 6.73
C LYS B 308 5.41 25.65 5.73
N GLU B 309 6.46 26.28 6.24
CA GLU B 309 7.43 27.07 5.45
C GLU B 309 8.02 26.19 4.33
N LYS B 310 8.21 24.89 4.65
CA LYS B 310 8.84 24.00 3.68
C LYS B 310 7.79 23.27 2.84
N GLY B 311 6.51 23.60 3.00
CA GLY B 311 5.47 23.07 2.11
C GLY B 311 4.96 21.70 2.52
N VAL B 312 5.39 21.20 3.67
CA VAL B 312 4.83 19.96 4.17
C VAL B 312 3.57 20.25 5.00
N LYS B 313 2.40 20.09 4.37
CA LYS B 313 1.07 20.45 4.94
C LYS B 313 0.75 19.70 6.23
N PRO B 314 0.46 20.40 7.33
CA PRO B 314 -0.06 19.75 8.52
C PRO B 314 -1.44 19.11 8.25
N ASP B 315 -1.65 17.97 8.87
CA ASP B 315 -2.87 17.26 8.72
C ASP B 315 -3.52 17.19 10.08
N VAL C 1 -0.52 4.00 -31.31
CA VAL C 1 -1.33 4.17 -30.09
C VAL C 1 -0.52 3.75 -28.86
N VAL C 2 0.36 2.77 -29.07
CA VAL C 2 1.17 2.22 -27.99
C VAL C 2 2.16 3.29 -27.49
N THR C 3 2.73 4.06 -28.40
CA THR C 3 3.63 5.19 -27.98
C THR C 3 2.91 6.18 -27.04
N TYR C 4 1.77 6.67 -27.49
CA TYR C 4 1.00 7.63 -26.69
C TYR C 4 0.63 7.00 -25.34
N THR C 5 0.15 5.75 -25.35
CA THR C 5 -0.34 5.13 -24.10
C THR C 5 0.81 4.94 -23.09
N THR C 6 1.96 4.50 -23.58
CA THR C 6 3.13 4.32 -22.71
C THR C 6 3.53 5.66 -22.06
N LEU C 7 3.46 6.77 -22.80
CA LEU C 7 3.88 8.10 -22.32
C LEU C 7 2.86 8.67 -21.36
N ILE C 8 1.60 8.55 -21.77
CA ILE C 8 0.50 8.89 -20.91
C ILE C 8 0.66 8.20 -19.56
N ASP C 9 1.01 6.92 -19.58
CA ASP C 9 1.05 6.16 -18.33
C ASP C 9 2.24 6.62 -17.50
N GLY C 10 3.31 6.95 -18.19
CA GLY C 10 4.51 7.40 -17.52
C GLY C 10 4.21 8.75 -16.89
N LEU C 11 3.60 9.62 -17.68
CA LEU C 11 3.28 10.93 -17.10
C LEU C 11 2.33 10.80 -15.92
N ALA C 12 1.26 10.00 -16.06
CA ALA C 12 0.26 9.93 -14.93
C ALA C 12 0.97 9.44 -13.67
N LYS C 13 1.82 8.43 -13.81
CA LYS C 13 2.43 7.81 -12.65
C LYS C 13 3.41 8.80 -12.02
N ALA C 14 3.78 9.84 -12.74
CA ALA C 14 4.71 10.80 -12.14
C ALA C 14 3.93 12.00 -11.61
N GLY C 15 2.60 11.88 -11.60
CA GLY C 15 1.70 12.95 -11.14
C GLY C 15 1.49 14.06 -12.17
N ARG C 16 2.08 13.94 -13.36
CA ARG C 16 1.89 14.97 -14.42
C ARG C 16 0.63 14.68 -15.24
N LEU C 17 -0.52 14.72 -14.58
CA LEU C 17 -1.77 14.34 -15.24
C LEU C 17 -2.19 15.32 -16.36
N GLU C 18 -1.87 16.60 -16.21
CA GLU C 18 -2.36 17.55 -17.20
C GLU C 18 -1.59 17.36 -18.50
N GLU C 19 -0.28 17.04 -18.40
CA GLU C 19 0.45 16.74 -19.61
C GLU C 19 -0.18 15.49 -20.24
N ALA C 20 -0.50 14.50 -19.38
CA ALA C 20 -1.09 13.23 -19.85
C ALA C 20 -2.35 13.55 -20.64
N LEU C 21 -3.21 14.38 -20.05
CA LEU C 21 -4.51 14.71 -20.66
C LEU C 21 -4.24 15.48 -21.93
N GLN C 22 -3.15 16.25 -21.92
CA GLN C 22 -2.74 16.97 -23.11
C GLN C 22 -2.47 15.98 -24.26
N LEU C 23 -1.64 14.96 -23.97
CA LEU C 23 -1.23 13.99 -25.02
C LEU C 23 -2.48 13.26 -25.55
N PHE C 24 -3.40 12.91 -24.66
CA PHE C 24 -4.66 12.23 -24.99
C PHE C 24 -5.37 13.05 -26.06
N GLN C 25 -5.38 14.37 -25.87
CA GLN C 25 -6.01 15.29 -26.85
C GLN C 25 -5.16 15.29 -28.14
N GLU C 26 -3.85 15.38 -27.99
CA GLU C 26 -2.96 15.38 -29.20
C GLU C 26 -3.22 14.14 -30.07
N MET C 27 -3.27 12.94 -29.46
CA MET C 27 -3.34 11.71 -30.29
C MET C 27 -4.67 11.65 -31.06
N LYS C 28 -5.76 12.16 -30.47
CA LYS C 28 -7.06 12.25 -31.21
C LYS C 28 -6.94 13.25 -32.39
N GLU C 29 -6.42 14.44 -32.09
CA GLU C 29 -6.17 15.44 -33.17
C GLU C 29 -5.39 14.78 -34.31
N LYS C 30 -4.34 14.02 -33.97
CA LYS C 30 -3.40 13.51 -34.96
C LYS C 30 -3.90 12.18 -35.52
N GLY C 31 -5.15 11.80 -35.25
CA GLY C 31 -5.76 10.62 -35.89
C GLY C 31 -5.28 9.29 -35.32
N VAL C 32 -4.67 9.34 -34.14
CA VAL C 32 -4.29 8.10 -33.46
C VAL C 32 -5.31 7.80 -32.38
N LYS C 33 -6.21 6.87 -32.71
CA LYS C 33 -7.40 6.51 -31.94
C LYS C 33 -7.06 5.87 -30.60
N PRO C 34 -7.48 6.46 -29.45
CA PRO C 34 -7.40 5.76 -28.15
C PRO C 34 -8.02 4.35 -28.27
N ASN C 35 -7.39 3.36 -27.64
CA ASN C 35 -7.96 2.05 -27.52
C ASN C 35 -8.25 1.76 -26.05
N VAL C 36 -8.62 0.52 -25.72
CA VAL C 36 -9.10 0.20 -24.39
C VAL C 36 -7.99 0.45 -23.35
N VAL C 37 -6.74 0.28 -23.79
CA VAL C 37 -5.56 0.45 -22.90
C VAL C 37 -5.34 1.93 -22.61
N THR C 38 -5.58 2.79 -23.60
CA THR C 38 -5.45 4.23 -23.43
C THR C 38 -6.38 4.67 -22.30
N TYR C 39 -7.68 4.38 -22.46
CA TYR C 39 -8.69 4.79 -21.49
C TYR C 39 -8.35 4.22 -20.11
N THR C 40 -8.01 2.93 -20.07
CA THR C 40 -7.86 2.25 -18.81
C THR C 40 -6.67 2.88 -18.08
N THR C 41 -5.64 3.24 -18.85
CA THR C 41 -4.48 3.89 -18.29
C THR C 41 -4.84 5.24 -17.71
N LEU C 42 -5.65 6.02 -18.43
CA LEU C 42 -6.06 7.40 -17.97
C LEU C 42 -7.01 7.31 -16.79
N ILE C 43 -7.93 6.34 -16.85
CA ILE C 43 -8.87 6.16 -15.76
C ILE C 43 -8.11 5.82 -14.47
N ASP C 44 -7.10 4.92 -14.58
CA ASP C 44 -6.33 4.53 -13.38
C ASP C 44 -5.50 5.73 -12.85
N GLY C 45 -4.90 6.50 -13.74
CA GLY C 45 -4.15 7.65 -13.29
C GLY C 45 -5.05 8.66 -12.61
N LEU C 46 -6.23 8.89 -13.16
CA LEU C 46 -7.10 9.89 -12.55
C LEU C 46 -7.59 9.43 -11.16
N ALA C 47 -8.03 8.19 -11.06
CA ALA C 47 -8.50 7.68 -9.76
C ALA C 47 -7.38 7.85 -8.72
N LYS C 48 -6.15 7.50 -9.09
CA LYS C 48 -5.09 7.47 -8.08
C LYS C 48 -4.70 8.88 -7.66
N ALA C 49 -5.01 9.85 -8.51
CA ALA C 49 -4.73 11.27 -8.30
C ALA C 49 -5.82 11.95 -7.47
N GLY C 50 -6.86 11.21 -7.09
CA GLY C 50 -7.95 11.76 -6.31
C GLY C 50 -9.08 12.30 -7.19
N ARG C 51 -9.04 11.94 -8.47
CA ARG C 51 -9.86 12.59 -9.46
C ARG C 51 -10.83 11.56 -10.08
N LEU C 52 -11.62 10.92 -9.19
CA LEU C 52 -12.47 9.84 -9.54
C LEU C 52 -13.60 10.30 -10.48
N GLU C 53 -14.13 11.51 -10.23
CA GLU C 53 -15.23 12.02 -11.07
C GLU C 53 -14.76 12.13 -12.52
N GLU C 54 -13.57 12.71 -12.78
CA GLU C 54 -13.14 12.78 -14.20
C GLU C 54 -12.89 11.37 -14.77
N ALA C 55 -12.48 10.45 -13.91
CA ALA C 55 -12.27 9.05 -14.36
C ALA C 55 -13.59 8.40 -14.77
N LEU C 56 -14.65 8.67 -14.00
CA LEU C 56 -15.97 8.21 -14.33
C LEU C 56 -16.46 8.89 -15.61
N GLN C 57 -16.06 10.14 -15.90
CA GLN C 57 -16.48 10.72 -17.20
C GLN C 57 -15.84 9.96 -18.37
N LEU C 58 -14.61 9.49 -18.19
CA LEU C 58 -13.86 8.93 -19.32
C LEU C 58 -14.41 7.53 -19.61
N PHE C 59 -14.90 6.86 -18.56
CA PHE C 59 -15.51 5.55 -18.68
C PHE C 59 -16.76 5.71 -19.54
N GLN C 60 -17.51 6.77 -19.26
CA GLN C 60 -18.75 7.04 -20.04
C GLN C 60 -18.31 7.34 -21.49
N GLU C 61 -17.22 8.12 -21.62
CA GLU C 61 -16.73 8.53 -22.97
C GLU C 61 -16.33 7.32 -23.82
N MET C 62 -15.75 6.29 -23.20
CA MET C 62 -15.25 5.19 -24.04
C MET C 62 -16.45 4.39 -24.55
N LYS C 63 -17.49 4.25 -23.71
CA LYS C 63 -18.71 3.54 -24.17
C LYS C 63 -19.36 4.37 -25.31
N GLU C 64 -19.51 5.70 -25.11
CA GLU C 64 -20.07 6.64 -26.12
C GLU C 64 -19.28 6.46 -27.42
N LYS C 65 -17.97 6.16 -27.29
CA LYS C 65 -17.05 6.11 -28.43
C LYS C 65 -16.92 4.69 -28.99
N GLY C 66 -17.68 3.70 -28.53
CA GLY C 66 -17.54 2.33 -29.09
C GLY C 66 -16.32 1.51 -28.58
N VAL C 67 -15.63 1.98 -27.55
CA VAL C 67 -14.44 1.26 -27.07
C VAL C 67 -14.84 0.47 -25.83
N LYS C 68 -15.08 -0.82 -26.04
CA LYS C 68 -15.68 -1.65 -24.97
C LYS C 68 -14.72 -1.82 -23.79
N PRO C 69 -15.23 -1.52 -22.58
CA PRO C 69 -14.51 -1.85 -21.35
C PRO C 69 -14.18 -3.33 -21.22
N ASN C 70 -12.93 -3.66 -20.87
CA ASN C 70 -12.49 -5.07 -20.69
C ASN C 70 -12.29 -5.33 -19.19
N VAL C 71 -11.83 -6.51 -18.79
CA VAL C 71 -11.75 -6.88 -17.39
C VAL C 71 -10.83 -5.90 -16.63
N VAL C 72 -9.80 -5.38 -17.31
CA VAL C 72 -8.89 -4.42 -16.67
C VAL C 72 -9.61 -3.08 -16.41
N THR C 73 -10.44 -2.64 -17.35
CA THR C 73 -11.24 -1.46 -17.12
C THR C 73 -12.07 -1.55 -15.83
N TYR C 74 -12.77 -2.66 -15.67
CA TYR C 74 -13.71 -2.79 -14.55
C TYR C 74 -12.92 -2.85 -13.20
N THR C 75 -11.89 -3.69 -13.17
CA THR C 75 -11.08 -3.91 -11.96
C THR C 75 -10.41 -2.59 -11.60
N THR C 76 -9.99 -1.82 -12.61
CA THR C 76 -9.35 -0.55 -12.32
C THR C 76 -10.35 0.41 -11.67
N LEU C 77 -11.60 0.38 -12.14
CA LEU C 77 -12.69 1.22 -11.59
C LEU C 77 -13.14 0.75 -10.24
N ILE C 78 -13.23 -0.57 -10.11
CA ILE C 78 -13.68 -1.18 -8.85
C ILE C 78 -12.71 -0.80 -7.71
N ASP C 79 -11.41 -0.87 -8.01
CA ASP C 79 -10.34 -0.59 -7.02
C ASP C 79 -10.35 0.90 -6.62
N GLY C 80 -10.55 1.75 -7.63
CA GLY C 80 -10.67 3.20 -7.40
C GLY C 80 -11.90 3.53 -6.57
N LEU C 81 -13.07 3.00 -6.93
CA LEU C 81 -14.27 3.26 -6.08
C LEU C 81 -14.07 2.75 -4.65
N ALA C 82 -13.54 1.53 -4.53
CA ALA C 82 -13.34 0.94 -3.21
C ALA C 82 -12.42 1.82 -2.36
N LYS C 83 -11.34 2.33 -2.93
CA LYS C 83 -10.40 3.02 -2.12
C LYS C 83 -10.98 4.38 -1.75
N ALA C 84 -11.88 4.90 -2.54
CA ALA C 84 -12.40 6.22 -2.29
C ALA C 84 -13.63 6.09 -1.40
N GLY C 85 -13.81 4.91 -0.81
CA GLY C 85 -14.90 4.69 0.12
C GLY C 85 -16.25 4.46 -0.56
N ARG C 86 -16.24 4.11 -1.85
CA ARG C 86 -17.51 3.93 -2.54
C ARG C 86 -17.72 2.45 -2.90
N LEU C 87 -17.83 1.62 -1.86
CA LEU C 87 -17.76 0.19 -2.04
C LEU C 87 -19.04 -0.33 -2.72
N GLU C 88 -20.15 0.36 -2.50
CA GLU C 88 -21.42 -0.17 -2.95
C GLU C 88 -21.45 -0.04 -4.47
N GLU C 89 -20.96 1.09 -4.98
CA GLU C 89 -20.88 1.26 -6.43
C GLU C 89 -19.88 0.27 -7.04
N ALA C 90 -18.77 0.01 -6.34
CA ALA C 90 -17.81 -0.99 -6.84
C ALA C 90 -18.52 -2.35 -6.97
N LEU C 91 -19.32 -2.70 -5.96
CA LEU C 91 -20.01 -4.04 -5.96
C LEU C 91 -21.01 -4.12 -7.12
N GLN C 92 -21.60 -2.97 -7.47
CA GLN C 92 -22.55 -2.90 -8.56
C GLN C 92 -21.83 -2.99 -9.90
N LEU C 93 -20.59 -2.48 -10.00
CA LEU C 93 -19.84 -2.64 -11.24
C LEU C 93 -19.50 -4.13 -11.41
N PHE C 94 -19.19 -4.80 -10.32
CA PHE C 94 -18.83 -6.23 -10.41
C PHE C 94 -20.04 -7.04 -10.92
N GLN C 95 -21.23 -6.70 -10.43
CA GLN C 95 -22.48 -7.31 -10.94
C GLN C 95 -22.55 -6.96 -12.44
N GLU C 96 -22.35 -5.68 -12.78
CA GLU C 96 -22.55 -5.24 -14.17
C GLU C 96 -21.57 -5.97 -15.10
N MET C 97 -20.33 -6.23 -14.67
CA MET C 97 -19.41 -6.87 -15.59
C MET C 97 -19.87 -8.32 -15.87
N LYS C 98 -20.36 -9.03 -14.85
CA LYS C 98 -20.76 -10.42 -14.99
C LYS C 98 -21.96 -10.48 -15.96
N GLU C 99 -22.93 -9.54 -15.76
CA GLU C 99 -24.16 -9.39 -16.59
C GLU C 99 -23.80 -9.11 -18.05
N LYS C 100 -22.60 -8.58 -18.28
CA LYS C 100 -22.17 -8.19 -19.63
C LYS C 100 -21.19 -9.21 -20.18
N GLY C 101 -20.96 -10.31 -19.46
CA GLY C 101 -20.10 -11.34 -20.01
C GLY C 101 -18.61 -10.95 -19.94
N VAL C 102 -18.23 -9.94 -19.14
CA VAL C 102 -16.82 -9.69 -18.86
C VAL C 102 -16.40 -10.45 -17.59
N LYS C 103 -15.77 -11.62 -17.82
CA LYS C 103 -15.39 -12.62 -16.76
C LYS C 103 -14.40 -11.95 -15.78
N PRO C 104 -14.79 -11.78 -14.49
CA PRO C 104 -13.86 -11.45 -13.43
C PRO C 104 -12.66 -12.42 -13.39
N ASN C 105 -11.49 -11.88 -13.05
CA ASN C 105 -10.33 -12.73 -12.93
C ASN C 105 -9.83 -12.63 -11.51
N VAL C 106 -8.67 -13.24 -11.26
CA VAL C 106 -8.13 -13.29 -9.93
C VAL C 106 -7.90 -11.85 -9.42
N VAL C 107 -7.46 -10.93 -10.30
CA VAL C 107 -7.32 -9.50 -9.87
C VAL C 107 -8.66 -8.90 -9.45
N THR C 108 -9.72 -9.17 -10.23
CA THR C 108 -11.06 -8.75 -9.88
C THR C 108 -11.38 -9.16 -8.42
N TYR C 109 -11.32 -10.46 -8.16
CA TYR C 109 -11.66 -11.01 -6.84
C TYR C 109 -10.74 -10.40 -5.75
N THR C 110 -9.46 -10.28 -6.05
CA THR C 110 -8.53 -9.88 -5.02
C THR C 110 -8.75 -8.41 -4.68
N THR C 111 -9.05 -7.61 -5.71
CA THR C 111 -9.33 -6.19 -5.50
C THR C 111 -10.52 -6.02 -4.54
N LEU C 112 -11.55 -6.82 -4.78
CA LEU C 112 -12.79 -6.73 -4.04
C LEU C 112 -12.60 -7.25 -2.62
N ILE C 113 -11.94 -8.39 -2.51
CA ILE C 113 -11.66 -8.97 -1.19
C ILE C 113 -10.93 -7.94 -0.33
N ASP C 114 -9.94 -7.27 -0.94
CA ASP C 114 -9.18 -6.27 -0.21
C ASP C 114 -10.11 -5.13 0.21
N GLY C 115 -10.95 -4.68 -0.72
CA GLY C 115 -11.80 -3.52 -0.42
C GLY C 115 -12.83 -3.90 0.66
N LEU C 116 -13.32 -5.13 0.61
CA LEU C 116 -14.30 -5.58 1.61
C LEU C 116 -13.64 -5.73 2.98
N ALA C 117 -12.45 -6.34 3.00
CA ALA C 117 -11.74 -6.54 4.30
C ALA C 117 -11.49 -5.18 4.97
N LYS C 118 -11.04 -4.21 4.17
CA LYS C 118 -10.63 -2.95 4.72
C LYS C 118 -11.86 -2.16 5.18
N ALA C 119 -13.03 -2.55 4.70
CA ALA C 119 -14.26 -1.84 5.07
C ALA C 119 -14.94 -2.49 6.27
N GLY C 120 -14.36 -3.60 6.77
CA GLY C 120 -14.81 -4.32 7.95
C GLY C 120 -15.65 -5.53 7.58
N ARG C 121 -15.82 -5.80 6.28
CA ARG C 121 -16.77 -6.79 5.84
C ARG C 121 -16.02 -8.08 5.50
N LEU C 122 -15.34 -8.59 6.55
CA LEU C 122 -14.49 -9.71 6.32
C LEU C 122 -15.28 -10.98 5.93
N GLU C 123 -16.55 -11.09 6.33
CA GLU C 123 -17.26 -12.40 6.11
C GLU C 123 -17.65 -12.54 4.61
N GLU C 124 -18.00 -11.34 4.08
CA GLU C 124 -18.26 -11.19 2.64
C GLU C 124 -16.99 -11.49 1.84
N ALA C 125 -15.85 -10.96 2.32
CA ALA C 125 -14.59 -11.20 1.66
C ALA C 125 -14.34 -12.71 1.58
N LEU C 126 -14.56 -13.38 2.72
CA LEU C 126 -14.33 -14.81 2.78
C LEU C 126 -15.32 -15.54 1.87
N GLN C 127 -16.53 -15.01 1.76
CA GLN C 127 -17.51 -15.61 0.81
C GLN C 127 -16.94 -15.56 -0.61
N LEU C 128 -16.39 -14.40 -1.01
CA LEU C 128 -15.88 -14.26 -2.38
C LEU C 128 -14.73 -15.24 -2.62
N PHE C 129 -13.92 -15.45 -1.57
CA PHE C 129 -12.82 -16.39 -1.58
C PHE C 129 -13.32 -17.81 -1.91
N GLN C 130 -14.37 -18.19 -1.18
CA GLN C 130 -15.12 -19.40 -1.48
C GLN C 130 -15.56 -19.37 -2.95
N GLU C 131 -16.22 -18.27 -3.32
CA GLU C 131 -16.87 -18.15 -4.62
C GLU C 131 -15.87 -18.27 -5.78
N MET C 132 -14.68 -17.65 -5.65
CA MET C 132 -13.73 -17.70 -6.75
C MET C 132 -13.25 -19.15 -6.90
N LYS C 133 -13.27 -19.88 -5.77
CA LYS C 133 -12.85 -21.29 -5.74
C LYS C 133 -13.89 -22.14 -6.48
N GLU C 134 -15.17 -21.93 -6.16
CA GLU C 134 -16.26 -22.68 -6.82
C GLU C 134 -16.32 -22.27 -8.30
N LYS C 135 -15.82 -21.08 -8.65
CA LYS C 135 -15.91 -20.59 -10.02
C LYS C 135 -14.67 -20.99 -10.81
N GLY C 136 -13.71 -21.67 -10.16
CA GLY C 136 -12.46 -22.13 -10.83
C GLY C 136 -11.43 -21.01 -11.04
N VAL C 137 -11.61 -19.87 -10.38
CA VAL C 137 -10.60 -18.81 -10.45
C VAL C 137 -9.63 -18.96 -9.26
N LYS C 138 -8.45 -19.53 -9.54
CA LYS C 138 -7.51 -19.98 -8.53
C LYS C 138 -6.89 -18.82 -7.75
N PRO C 139 -7.01 -18.82 -6.41
CA PRO C 139 -6.31 -17.84 -5.60
C PRO C 139 -4.81 -17.90 -5.92
N ASN C 140 -4.17 -16.73 -5.90
CA ASN C 140 -2.72 -16.59 -6.12
C ASN C 140 -2.10 -16.02 -4.84
N VAL C 141 -0.80 -15.69 -4.88
CA VAL C 141 -0.09 -15.33 -3.63
C VAL C 141 -0.72 -14.03 -3.06
N VAL C 142 -1.25 -13.23 -3.99
CA VAL C 142 -1.82 -11.98 -3.65
C VAL C 142 -3.15 -12.20 -2.95
N THR C 143 -3.98 -13.13 -3.45
CA THR C 143 -5.27 -13.44 -2.74
C THR C 143 -4.92 -13.77 -1.27
N TYR C 144 -3.97 -14.69 -1.12
CA TYR C 144 -3.63 -15.24 0.22
C TYR C 144 -3.15 -14.09 1.11
N THR C 145 -2.19 -13.34 0.58
CA THR C 145 -1.58 -12.28 1.37
C THR C 145 -2.67 -11.27 1.76
N THR C 146 -3.60 -11.03 0.84
CA THR C 146 -4.65 -10.03 1.09
C THR C 146 -5.51 -10.49 2.26
N LEU C 147 -5.84 -11.78 2.23
CA LEU C 147 -6.72 -12.31 3.27
C LEU C 147 -5.99 -12.46 4.61
N ILE C 148 -4.76 -12.93 4.56
CA ILE C 148 -3.97 -13.05 5.76
C ILE C 148 -3.89 -11.69 6.45
N ASP C 149 -3.75 -10.58 5.69
CA ASP C 149 -3.63 -9.23 6.29
C ASP C 149 -4.96 -8.79 6.91
N GLY C 150 -6.06 -9.10 6.20
CA GLY C 150 -7.38 -8.64 6.60
C GLY C 150 -7.79 -9.32 7.89
N LEU C 151 -7.47 -10.61 7.98
CA LEU C 151 -7.79 -11.40 9.15
C LEU C 151 -7.03 -10.90 10.39
N ALA C 152 -5.71 -10.74 10.23
CA ALA C 152 -4.84 -10.33 11.33
C ALA C 152 -5.35 -9.00 11.85
N LYS C 153 -5.61 -8.07 10.92
CA LYS C 153 -5.97 -6.77 11.37
C LYS C 153 -7.36 -6.76 12.05
N ALA C 154 -8.17 -7.79 11.78
CA ALA C 154 -9.48 -7.91 12.44
C ALA C 154 -9.33 -8.67 13.74
N GLY C 155 -8.09 -8.98 14.11
CA GLY C 155 -7.80 -9.67 15.35
C GLY C 155 -8.13 -11.14 15.24
N ARG C 156 -8.20 -11.63 14.00
CA ARG C 156 -8.45 -13.02 13.74
C ARG C 156 -7.15 -13.69 13.28
N LEU C 157 -6.10 -13.57 14.11
CA LEU C 157 -4.76 -14.04 13.69
C LEU C 157 -4.69 -15.57 13.55
N GLU C 158 -5.53 -16.30 14.29
CA GLU C 158 -5.46 -17.78 14.20
C GLU C 158 -5.85 -18.31 12.77
N GLU C 159 -6.99 -17.70 12.27
CA GLU C 159 -7.43 -17.98 10.88
C GLU C 159 -6.30 -17.60 9.91
N ALA C 160 -5.80 -16.38 10.10
CA ALA C 160 -4.70 -15.89 9.28
C ALA C 160 -3.58 -16.93 9.17
N LEU C 161 -3.19 -17.53 10.32
CA LEU C 161 -2.14 -18.55 10.29
C LEU C 161 -2.65 -19.86 9.68
N GLN C 162 -3.94 -20.18 9.86
CA GLN C 162 -4.45 -21.41 9.21
C GLN C 162 -4.23 -21.24 7.70
N LEU C 163 -4.65 -20.07 7.23
CA LEU C 163 -4.64 -19.72 5.81
C LEU C 163 -3.22 -19.79 5.26
N PHE C 164 -2.20 -19.48 6.06
CA PHE C 164 -0.76 -19.52 5.63
C PHE C 164 -0.36 -20.98 5.44
N GLU C 165 -1.07 -21.82 6.20
CA GLU C 165 -0.96 -23.27 6.16
C GLU C 165 -1.49 -23.72 4.78
N GLU C 166 -2.82 -23.46 4.60
CA GLU C 166 -3.57 -23.82 3.38
C GLU C 166 -2.69 -23.47 2.17
N MET C 167 -2.07 -22.28 2.23
CA MET C 167 -1.36 -21.63 1.11
C MET C 167 -0.19 -22.52 0.71
N LYS C 168 0.67 -22.80 1.69
CA LYS C 168 1.89 -23.59 1.50
C LYS C 168 1.50 -24.99 0.98
N GLU C 169 0.34 -25.49 1.42
CA GLU C 169 -0.12 -26.82 1.06
C GLU C 169 -0.65 -26.89 -0.38
N LYS C 170 -1.12 -25.77 -0.95
CA LYS C 170 -1.64 -25.81 -2.32
C LYS C 170 -0.58 -25.30 -3.30
N GLY C 171 0.67 -25.20 -2.84
CA GLY C 171 1.76 -24.87 -3.72
C GLY C 171 1.82 -23.39 -4.05
N VAL C 172 1.09 -22.56 -3.30
CA VAL C 172 1.30 -21.12 -3.44
C VAL C 172 2.46 -20.66 -2.56
N LYS C 173 3.61 -20.39 -3.18
CA LYS C 173 4.81 -20.05 -2.42
C LYS C 173 4.63 -18.68 -1.77
N PRO C 174 4.61 -18.59 -0.42
CA PRO C 174 4.65 -17.30 0.25
C PRO C 174 5.77 -16.47 -0.35
N ASN C 175 5.58 -15.15 -0.45
CA ASN C 175 6.64 -14.25 -0.92
C ASN C 175 6.95 -13.26 0.21
N VAL C 176 7.74 -12.22 -0.09
CA VAL C 176 8.24 -11.32 0.93
C VAL C 176 7.06 -10.57 1.56
N VAL C 177 6.02 -10.34 0.76
CA VAL C 177 4.88 -9.65 1.24
C VAL C 177 4.15 -10.53 2.27
N THR C 178 3.98 -11.81 1.96
CA THR C 178 3.42 -12.79 2.93
C THR C 178 4.15 -12.74 4.27
N TYR C 179 5.49 -12.89 4.23
CA TYR C 179 6.29 -12.94 5.45
C TYR C 179 6.12 -11.62 6.22
N THR C 180 6.23 -10.48 5.53
CA THR C 180 6.21 -9.24 6.24
C THR C 180 4.80 -8.99 6.78
N THR C 181 3.77 -9.42 6.03
CA THR C 181 2.40 -9.30 6.57
C THR C 181 2.25 -10.09 7.88
N LEU C 182 2.75 -11.31 7.91
CA LEU C 182 2.60 -12.24 9.07
C LEU C 182 3.50 -11.76 10.22
N ILE C 183 4.69 -11.31 9.87
CA ILE C 183 5.59 -10.70 10.90
C ILE C 183 4.90 -9.54 11.64
N ASP C 184 4.29 -8.62 10.89
CA ASP C 184 3.60 -7.47 11.52
C ASP C 184 2.43 -7.95 12.39
N GLY C 185 1.72 -8.97 11.93
CA GLY C 185 0.49 -9.34 12.59
C GLY C 185 0.82 -10.01 13.92
N LEU C 186 1.90 -10.80 13.89
CA LEU C 186 2.40 -11.51 15.09
C LEU C 186 2.94 -10.49 16.10
N ALA C 187 3.76 -9.57 15.58
CA ALA C 187 4.37 -8.54 16.45
C ALA C 187 3.26 -7.75 17.14
N LYS C 188 2.27 -7.31 16.36
CA LYS C 188 1.24 -6.44 16.93
C LYS C 188 0.38 -7.24 17.92
N ALA C 189 0.34 -8.56 17.77
CA ALA C 189 -0.42 -9.38 18.72
C ALA C 189 0.45 -9.79 19.92
N GLY C 190 1.66 -9.24 20.04
CA GLY C 190 2.47 -9.57 21.18
C GLY C 190 3.16 -10.93 21.06
N ARG C 191 3.32 -11.42 19.83
CA ARG C 191 4.02 -12.66 19.55
C ARG C 191 5.33 -12.36 18.81
N LEU C 192 6.20 -11.55 19.44
CA LEU C 192 7.39 -11.05 18.83
C LEU C 192 8.40 -12.18 18.54
N GLU C 193 8.49 -13.17 19.43
CA GLU C 193 9.43 -14.33 19.24
C GLU C 193 9.11 -15.13 17.98
N GLU C 194 7.82 -15.38 17.73
CA GLU C 194 7.41 -16.07 16.49
C GLU C 194 7.69 -15.15 15.30
N ALA C 195 7.52 -13.84 15.48
CA ALA C 195 7.80 -13.01 14.34
C ALA C 195 9.30 -13.07 14.00
N LEU C 196 10.16 -13.03 15.00
CA LEU C 196 11.64 -13.08 14.75
C LEU C 196 12.09 -14.45 14.21
N GLN C 197 11.32 -15.50 14.49
CA GLN C 197 11.60 -16.87 13.95
C GLN C 197 11.19 -16.89 12.49
N LEU C 198 10.10 -16.16 12.18
CA LEU C 198 9.70 -16.07 10.78
C LEU C 198 10.71 -15.24 10.02
N PHE C 199 11.24 -14.21 10.63
CA PHE C 199 12.34 -13.47 10.00
C PHE C 199 13.51 -14.42 9.63
N GLN C 200 13.82 -15.38 10.52
CA GLN C 200 14.96 -16.26 10.31
C GLN C 200 14.59 -17.21 9.18
N GLU C 201 13.34 -17.68 9.18
CA GLU C 201 12.90 -18.65 8.23
C GLU C 201 12.89 -18.11 6.79
N MET C 202 12.40 -16.87 6.59
CA MET C 202 12.35 -16.32 5.23
C MET C 202 13.79 -16.21 4.71
N LYS C 203 14.78 -15.96 5.60
CA LYS C 203 16.17 -15.85 5.14
C LYS C 203 16.66 -17.25 4.71
N GLU C 204 16.36 -18.27 5.52
CA GLU C 204 16.65 -19.66 5.13
C GLU C 204 16.01 -20.03 3.77
N LYS C 205 14.73 -19.66 3.52
CA LYS C 205 14.02 -19.95 2.27
C LYS C 205 14.51 -19.07 1.10
N GLY C 206 15.50 -18.23 1.33
CA GLY C 206 16.08 -17.39 0.28
C GLY C 206 15.22 -16.17 -0.05
N VAL C 207 14.15 -15.93 0.72
CA VAL C 207 13.20 -14.81 0.49
C VAL C 207 13.76 -13.59 1.23
N LYS C 208 14.41 -12.71 0.48
CA LYS C 208 15.22 -11.60 0.99
C LYS C 208 14.34 -10.57 1.69
N PRO C 209 14.61 -10.25 2.97
CA PRO C 209 13.97 -9.12 3.63
C PRO C 209 14.19 -7.86 2.79
N ASN C 210 13.17 -6.98 2.76
CA ASN C 210 13.27 -5.69 2.09
C ASN C 210 13.08 -4.60 3.16
N VAL C 211 12.95 -3.34 2.74
CA VAL C 211 12.89 -2.27 3.71
C VAL C 211 11.69 -2.47 4.64
N VAL C 212 10.59 -2.93 4.06
CA VAL C 212 9.30 -3.10 4.76
C VAL C 212 9.53 -4.13 5.84
N THR C 213 10.25 -5.22 5.52
CA THR C 213 10.51 -6.23 6.49
C THR C 213 11.24 -5.59 7.68
N TYR C 214 12.38 -4.94 7.41
CA TYR C 214 13.18 -4.38 8.47
C TYR C 214 12.33 -3.40 9.30
N THR C 215 11.59 -2.50 8.66
CA THR C 215 11.01 -1.39 9.41
C THR C 215 9.87 -1.94 10.29
N THR C 216 9.25 -3.02 9.82
CA THR C 216 8.24 -3.70 10.51
C THR C 216 8.78 -4.30 11.82
N LEU C 217 9.98 -4.88 11.76
CA LEU C 217 10.55 -5.50 12.97
C LEU C 217 11.12 -4.42 13.88
N ILE C 218 11.67 -3.37 13.27
CA ILE C 218 12.20 -2.25 14.00
C ILE C 218 11.10 -1.66 14.87
N ASP C 219 9.91 -1.46 14.28
CA ASP C 219 8.76 -0.88 15.01
C ASP C 219 8.33 -1.84 16.12
N GLY C 220 8.27 -3.12 15.75
CA GLY C 220 7.82 -4.19 16.64
C GLY C 220 8.76 -4.30 17.84
N LEU C 221 10.08 -4.19 17.59
CA LEU C 221 11.04 -4.26 18.70
C LEU C 221 10.93 -3.00 19.57
N ALA C 222 10.79 -1.83 18.91
CA ALA C 222 10.76 -0.57 19.66
C ALA C 222 9.60 -0.59 20.66
N LYS C 223 8.44 -1.04 20.18
CA LYS C 223 7.24 -0.90 20.94
C LYS C 223 7.24 -1.95 22.06
N ALA C 224 8.09 -2.95 21.91
CA ALA C 224 8.18 -3.99 22.93
C ALA C 224 9.26 -3.64 23.96
N GLY C 225 9.89 -2.47 23.80
CA GLY C 225 10.89 -1.98 24.73
C GLY C 225 12.27 -2.55 24.47
N ARG C 226 12.48 -3.09 23.27
CA ARG C 226 13.73 -3.61 22.85
C ARG C 226 14.45 -2.67 21.87
N LEU C 227 14.65 -1.43 22.30
CA LEU C 227 15.21 -0.40 21.45
C LEU C 227 16.62 -0.72 20.94
N GLU C 228 17.38 -1.46 21.76
CA GLU C 228 18.78 -1.72 21.42
C GLU C 228 18.84 -2.62 20.19
N GLU C 229 17.98 -3.65 20.20
CA GLU C 229 17.92 -4.56 19.06
C GLU C 229 17.43 -3.79 17.83
N ALA C 230 16.36 -3.01 18.03
CA ALA C 230 15.85 -2.18 16.91
C ALA C 230 17.02 -1.37 16.32
N LEU C 231 17.86 -0.76 17.18
CA LEU C 231 18.94 0.10 16.59
C LEU C 231 19.94 -0.82 15.90
N GLN C 232 20.03 -2.05 16.40
CA GLN C 232 20.92 -3.07 15.77
C GLN C 232 20.46 -3.37 14.32
N LEU C 233 19.15 -3.53 14.12
CA LEU C 233 18.60 -3.91 12.82
C LEU C 233 18.77 -2.74 11.85
N PHE C 234 18.63 -1.52 12.37
CA PHE C 234 18.88 -0.30 11.61
C PHE C 234 20.30 -0.35 11.03
N GLU C 235 21.32 -0.52 11.88
CA GLU C 235 22.70 -0.59 11.40
C GLU C 235 22.77 -1.76 10.40
N GLU C 236 22.20 -2.91 10.82
CA GLU C 236 22.30 -4.12 9.97
C GLU C 236 21.79 -3.83 8.55
N MET C 237 20.54 -3.34 8.41
CA MET C 237 19.97 -3.22 7.07
C MET C 237 20.84 -2.27 6.25
N LYS C 238 21.47 -1.26 6.87
CA LYS C 238 22.33 -0.39 6.09
C LYS C 238 23.53 -1.21 5.58
N GLU C 239 24.12 -2.02 6.46
CA GLU C 239 25.30 -2.85 6.15
C GLU C 239 25.01 -3.86 5.04
N LYS C 240 23.73 -4.02 4.69
CA LYS C 240 23.27 -5.08 3.80
C LYS C 240 22.72 -4.40 2.53
N GLY C 241 22.95 -3.08 2.43
CA GLY C 241 22.52 -2.32 1.25
C GLY C 241 21.00 -2.20 1.13
N VAL C 242 20.24 -2.44 2.22
CA VAL C 242 18.76 -2.14 2.26
C VAL C 242 18.55 -0.75 2.87
N LYS C 243 18.28 0.24 1.99
CA LYS C 243 18.36 1.69 2.36
C LYS C 243 17.21 2.05 3.29
N PRO C 244 17.48 2.55 4.49
CA PRO C 244 16.38 3.08 5.29
C PRO C 244 15.63 4.09 4.43
N ASN C 245 14.30 4.13 4.57
CA ASN C 245 13.49 5.11 3.91
C ASN C 245 12.83 5.99 4.99
N VAL C 246 11.91 6.85 4.56
CA VAL C 246 11.39 7.86 5.48
C VAL C 246 10.66 7.13 6.61
N VAL C 247 10.07 5.98 6.27
CA VAL C 247 9.27 5.28 7.26
C VAL C 247 10.20 4.71 8.33
N THR C 248 11.36 4.21 7.90
CA THR C 248 12.35 3.65 8.79
C THR C 248 12.78 4.68 9.83
N TYR C 249 13.22 5.86 9.34
CA TYR C 249 13.62 6.93 10.24
C TYR C 249 12.48 7.33 11.20
N THR C 250 11.30 7.55 10.65
CA THR C 250 10.20 8.09 11.45
C THR C 250 9.83 7.05 12.52
N THR C 251 9.90 5.76 12.16
CA THR C 251 9.64 4.70 13.13
C THR C 251 10.63 4.76 14.29
N LEU C 252 11.89 4.97 13.94
CA LEU C 252 12.96 5.01 14.94
C LEU C 252 12.93 6.30 15.78
N ILE C 253 12.64 7.42 15.13
CA ILE C 253 12.44 8.68 15.86
C ILE C 253 11.34 8.52 16.90
N ASP C 254 10.21 7.93 16.48
CA ASP C 254 9.12 7.79 17.41
C ASP C 254 9.55 6.87 18.57
N GLY C 255 10.21 5.77 18.29
CA GLY C 255 10.59 4.84 19.45
C GLY C 255 11.63 5.45 20.40
N LEU C 256 12.62 6.14 19.85
CA LEU C 256 13.57 6.89 20.65
C LEU C 256 12.83 7.91 21.54
N ALA C 257 11.92 8.67 20.96
CA ALA C 257 11.22 9.73 21.74
C ALA C 257 10.37 9.14 22.88
N LYS C 258 9.59 8.10 22.62
CA LYS C 258 8.73 7.54 23.66
C LYS C 258 9.58 6.88 24.75
N ALA C 259 10.81 6.54 24.40
CA ALA C 259 11.75 5.87 25.34
C ALA C 259 12.52 6.91 26.17
N GLY C 260 12.21 8.19 25.97
CA GLY C 260 12.89 9.18 26.76
C GLY C 260 14.16 9.67 26.08
N ARG C 261 14.44 9.21 24.85
CA ARG C 261 15.74 9.41 24.23
C ARG C 261 15.65 10.41 23.08
N LEU C 262 15.21 11.61 23.40
CA LEU C 262 14.87 12.66 22.44
C LEU C 262 16.08 13.25 21.72
N GLU C 263 17.23 13.36 22.40
CA GLU C 263 18.35 13.96 21.66
C GLU C 263 18.77 12.94 20.60
N GLU C 264 18.59 11.65 20.85
CA GLU C 264 18.96 10.71 19.76
C GLU C 264 18.00 10.86 18.56
N ALA C 265 16.74 11.05 18.90
CA ALA C 265 15.73 11.16 17.91
C ALA C 265 16.01 12.40 17.07
N LEU C 266 16.32 13.54 17.73
CA LEU C 266 16.61 14.80 17.00
C LEU C 266 17.88 14.63 16.15
N GLN C 267 18.80 13.80 16.62
CA GLN C 267 19.97 13.43 15.80
C GLN C 267 19.54 12.78 14.48
N LEU C 268 18.59 11.84 14.53
CA LEU C 268 18.23 11.07 13.33
C LEU C 268 17.49 12.01 12.35
N PHE C 269 16.76 12.97 12.92
CA PHE C 269 16.04 13.90 12.10
C PHE C 269 17.04 14.66 11.23
N GLU C 270 18.13 15.10 11.87
CA GLU C 270 19.27 15.74 11.21
C GLU C 270 19.82 14.83 10.13
N GLU C 271 20.24 13.65 10.62
CA GLU C 271 20.88 12.59 9.80
C GLU C 271 20.07 12.33 8.53
N MET C 272 18.72 12.26 8.63
CA MET C 272 17.94 11.84 7.45
C MET C 272 17.93 13.03 6.49
N LYS C 273 18.00 14.22 7.09
CA LYS C 273 18.07 15.40 6.28
C LYS C 273 19.39 15.34 5.49
N GLU C 274 20.52 15.22 6.19
CA GLU C 274 21.83 15.07 5.56
C GLU C 274 21.73 14.08 4.39
N LYS C 275 21.05 12.95 4.59
CA LYS C 275 21.15 11.83 3.66
C LYS C 275 20.08 11.91 2.57
N GLY C 276 19.46 13.10 2.45
CA GLY C 276 18.47 13.41 1.41
C GLY C 276 17.17 12.62 1.54
N VAL C 277 16.83 12.15 2.74
CA VAL C 277 15.54 11.44 2.94
C VAL C 277 14.59 12.47 3.57
N LYS C 278 13.68 13.04 2.78
CA LYS C 278 12.96 14.26 3.19
C LYS C 278 11.91 13.89 4.24
N PRO C 279 11.90 14.55 5.41
CA PRO C 279 10.83 14.39 6.39
C PRO C 279 9.46 14.61 5.74
N ASN C 280 8.46 13.80 6.13
CA ASN C 280 7.13 13.99 5.62
C ASN C 280 6.23 14.43 6.79
N VAL C 281 4.92 14.49 6.55
CA VAL C 281 4.04 15.00 7.60
C VAL C 281 4.12 14.12 8.87
N VAL C 282 4.38 12.82 8.70
CA VAL C 282 4.44 11.88 9.84
C VAL C 282 5.74 12.12 10.64
N THR C 283 6.80 12.44 9.92
CA THR C 283 8.06 12.83 10.59
C THR C 283 7.88 13.99 11.56
N TYR C 284 7.36 15.09 11.00
CA TYR C 284 7.19 16.30 11.76
C TYR C 284 6.27 16.06 12.96
N THR C 285 5.15 15.38 12.71
CA THR C 285 4.13 15.24 13.73
C THR C 285 4.64 14.36 14.86
N THR C 286 5.49 13.38 14.52
CA THR C 286 6.13 12.50 15.50
C THR C 286 7.05 13.31 16.38
N LEU C 287 7.78 14.24 15.76
CA LEU C 287 8.76 15.03 16.48
C LEU C 287 8.06 16.06 17.34
N ILE C 288 7.04 16.68 16.74
CA ILE C 288 6.25 17.64 17.50
C ILE C 288 5.65 17.00 18.76
N ASP C 289 5.06 15.82 18.61
CA ASP C 289 4.48 15.12 19.79
C ASP C 289 5.59 14.82 20.84
N GLY C 290 6.73 14.34 20.38
CA GLY C 290 7.79 14.00 21.32
C GLY C 290 8.28 15.22 22.07
N LEU C 291 8.51 16.31 21.33
CA LEU C 291 8.95 17.55 21.97
C LEU C 291 7.92 18.06 22.97
N ALA C 292 6.65 18.13 22.56
CA ALA C 292 5.59 18.57 23.46
C ALA C 292 5.56 17.72 24.74
N LYS C 293 5.63 16.39 24.59
CA LYS C 293 5.51 15.52 25.76
C LYS C 293 6.73 15.71 26.68
N ALA C 294 7.84 16.18 26.13
CA ALA C 294 9.06 16.39 26.95
C ALA C 294 9.11 17.82 27.50
N GLY C 295 8.02 18.57 27.33
CA GLY C 295 7.91 19.90 27.86
C GLY C 295 8.64 20.91 26.99
N ARG C 296 8.97 20.54 25.75
CA ARG C 296 9.65 21.42 24.80
C ARG C 296 8.65 21.94 23.75
N LEU C 297 7.64 22.65 24.22
CA LEU C 297 6.60 23.12 23.38
C LEU C 297 7.07 24.23 22.44
N GLU C 298 7.89 25.16 22.93
CA GLU C 298 8.39 26.23 22.06
C GLU C 298 9.07 25.61 20.85
N GLU C 299 9.84 24.53 21.08
CA GLU C 299 10.51 23.91 19.95
C GLU C 299 9.51 23.16 19.03
N ALA C 300 8.45 22.61 19.61
CA ALA C 300 7.47 21.90 18.80
C ALA C 300 6.76 22.92 17.93
N LEU C 301 6.46 24.10 18.50
CA LEU C 301 5.75 25.19 17.73
C LEU C 301 6.64 25.67 16.57
N GLN C 302 7.94 25.70 16.83
CA GLN C 302 8.90 26.16 15.82
C GLN C 302 8.96 25.13 14.67
N LEU C 303 8.88 23.82 15.00
CA LEU C 303 8.87 22.82 13.94
C LEU C 303 7.57 22.96 13.13
N PHE C 304 6.48 23.29 13.79
CA PHE C 304 5.20 23.40 13.08
C PHE C 304 5.34 24.52 12.02
N GLN C 305 5.94 25.64 12.43
CA GLN C 305 6.27 26.72 11.51
C GLN C 305 7.19 26.18 10.41
N GLU C 306 8.23 25.42 10.74
CA GLU C 306 9.16 24.95 9.71
C GLU C 306 8.44 24.08 8.69
N MET C 307 7.61 23.13 9.14
CA MET C 307 6.98 22.24 8.13
C MET C 307 6.11 23.03 7.14
N LYS C 308 5.40 24.05 7.62
CA LYS C 308 4.55 24.86 6.73
C LYS C 308 5.41 25.65 5.73
N GLU C 309 6.46 26.28 6.24
CA GLU C 309 7.43 27.07 5.45
C GLU C 309 8.01 26.20 4.33
N LYS C 310 8.21 24.89 4.65
CA LYS C 310 8.83 23.99 3.68
C LYS C 310 7.78 23.28 2.84
N GLY C 311 6.50 23.62 3.01
CA GLY C 311 5.45 23.09 2.12
C GLY C 311 4.96 21.70 2.52
N VAL C 312 5.39 21.22 3.68
CA VAL C 312 4.83 19.96 4.18
C VAL C 312 3.57 20.26 5.01
N LYS C 313 2.40 20.10 4.38
CA LYS C 313 1.07 20.45 4.95
C LYS C 313 0.75 19.69 6.23
N PRO C 314 0.45 20.38 7.33
CA PRO C 314 -0.07 19.70 8.51
C PRO C 314 -1.43 19.04 8.24
N ASN C 315 -1.64 17.88 8.85
CA ASN C 315 -2.88 17.18 8.73
C ASN C 315 -3.53 17.13 10.12
N VAL D 1 -0.38 4.10 -31.31
CA VAL D 1 -1.26 4.19 -30.11
C VAL D 1 -0.48 3.74 -28.86
N VAL D 2 0.37 2.75 -29.07
CA VAL D 2 1.18 2.19 -27.98
C VAL D 2 2.16 3.28 -27.48
N THR D 3 2.76 4.03 -28.39
CA THR D 3 3.64 5.18 -27.98
C THR D 3 2.91 6.17 -27.05
N TYR D 4 1.78 6.67 -27.53
CA TYR D 4 0.98 7.58 -26.71
C TYR D 4 0.57 6.90 -25.40
N ASN D 5 0.12 5.64 -25.47
CA ASN D 5 -0.33 4.96 -24.22
C ASN D 5 0.81 4.95 -23.17
N THR D 6 2.01 4.52 -23.62
CA THR D 6 3.16 4.37 -22.70
C THR D 6 3.53 5.72 -22.05
N LEU D 7 3.52 6.80 -22.82
CA LEU D 7 3.91 8.14 -22.33
C LEU D 7 2.87 8.67 -21.36
N ILE D 8 1.61 8.54 -21.77
CA ILE D 8 0.51 8.89 -20.92
C ILE D 8 0.67 8.20 -19.56
N ASP D 9 1.02 6.92 -19.58
CA ASP D 9 1.05 6.15 -18.34
C ASP D 9 2.24 6.62 -17.50
N GLY D 10 3.32 6.95 -18.19
CA GLY D 10 4.51 7.40 -17.52
C GLY D 10 4.21 8.75 -16.89
N LEU D 11 3.60 9.62 -17.68
CA LEU D 11 3.28 10.93 -17.10
C LEU D 11 2.33 10.80 -15.92
N ALA D 12 1.26 10.00 -16.06
CA ALA D 12 0.26 9.93 -14.93
C ALA D 12 0.97 9.45 -13.67
N LYS D 13 1.81 8.43 -13.82
CA LYS D 13 2.42 7.81 -12.66
C LYS D 13 3.41 8.78 -12.02
N ALA D 14 3.78 9.84 -12.74
CA ALA D 14 4.71 10.79 -12.13
C ALA D 14 3.92 11.99 -11.61
N GLY D 15 2.60 11.88 -11.61
CA GLY D 15 1.70 12.95 -11.14
C GLY D 15 1.48 14.05 -12.17
N ARG D 16 2.08 13.95 -13.37
CA ARG D 16 1.89 14.97 -14.42
C ARG D 16 0.63 14.68 -15.24
N LEU D 17 -0.52 14.72 -14.58
CA LEU D 17 -1.77 14.34 -15.24
C LEU D 17 -2.18 15.32 -16.35
N GLU D 18 -1.87 16.60 -16.21
CA GLU D 18 -2.36 17.55 -17.20
C GLU D 18 -1.59 17.36 -18.50
N GLU D 19 -0.28 17.04 -18.40
CA GLU D 19 0.45 16.74 -19.61
C GLU D 19 -0.18 15.49 -20.24
N ALA D 20 -0.50 14.50 -19.38
CA ALA D 20 -1.09 13.23 -19.85
C ALA D 20 -2.35 13.55 -20.64
N LEU D 21 -3.21 14.38 -20.05
CA LEU D 21 -4.51 14.71 -20.66
C LEU D 21 -4.24 15.48 -21.93
N GLN D 22 -3.15 16.25 -21.92
CA GLN D 22 -2.73 16.98 -23.12
C GLN D 22 -2.47 15.98 -24.26
N LEU D 23 -1.64 14.96 -23.97
CA LEU D 23 -1.23 13.99 -25.02
C LEU D 23 -2.48 13.26 -25.55
N PHE D 24 -3.40 12.91 -24.66
CA PHE D 24 -4.66 12.23 -24.99
C PHE D 24 -5.37 13.05 -26.06
N GLN D 25 -5.38 14.37 -25.87
CA GLN D 25 -6.01 15.29 -26.85
C GLN D 25 -5.16 15.29 -28.14
N GLU D 26 -3.85 15.38 -27.99
CA GLU D 26 -2.96 15.38 -29.20
C GLU D 26 -3.22 14.14 -30.07
N MET D 27 -3.27 12.94 -29.46
CA MET D 27 -3.34 11.71 -30.29
C MET D 27 -4.67 11.65 -31.06
N LYS D 28 -5.76 12.16 -30.47
CA LYS D 28 -7.06 12.25 -31.21
C LYS D 28 -6.94 13.25 -32.39
N GLU D 29 -6.42 14.44 -32.09
CA GLU D 29 -6.17 15.44 -33.17
C GLU D 29 -5.39 14.78 -34.31
N LYS D 30 -4.34 14.02 -33.97
CA LYS D 30 -3.40 13.51 -34.96
C LYS D 30 -3.91 12.18 -35.53
N GLY D 31 -5.15 11.80 -35.24
CA GLY D 31 -5.78 10.63 -35.88
C GLY D 31 -5.30 9.30 -35.31
N VAL D 32 -4.68 9.33 -34.13
CA VAL D 32 -4.31 8.10 -33.45
C VAL D 32 -5.34 7.80 -32.37
N LYS D 33 -6.23 6.87 -32.72
CA LYS D 33 -7.43 6.52 -31.95
C LYS D 33 -7.11 5.90 -30.59
N PRO D 34 -7.58 6.48 -29.46
CA PRO D 34 -7.52 5.78 -28.17
C PRO D 34 -8.05 4.34 -28.28
N SER D 35 -7.38 3.42 -27.59
CA SER D 35 -7.77 2.04 -27.48
C SER D 35 -8.20 1.79 -26.04
N VAL D 36 -8.59 0.53 -25.73
CA VAL D 36 -9.09 0.23 -24.40
C VAL D 36 -7.98 0.47 -23.34
N VAL D 37 -6.73 0.29 -23.78
CA VAL D 37 -5.56 0.46 -22.89
C VAL D 37 -5.33 1.94 -22.60
N THR D 38 -5.54 2.80 -23.61
CA THR D 38 -5.43 4.23 -23.45
C THR D 38 -6.37 4.67 -22.31
N TYR D 39 -7.66 4.37 -22.48
CA TYR D 39 -8.67 4.75 -21.48
C TYR D 39 -8.33 4.11 -20.12
N ASN D 40 -7.91 2.84 -20.13
CA ASN D 40 -7.72 2.16 -18.83
C ASN D 40 -6.63 2.91 -18.08
N THR D 41 -5.55 3.26 -18.83
CA THR D 41 -4.43 3.93 -18.24
C THR D 41 -4.82 5.28 -17.67
N LEU D 42 -5.61 6.06 -18.41
CA LEU D 42 -6.05 7.44 -17.94
C LEU D 42 -7.02 7.33 -16.77
N ILE D 43 -7.92 6.35 -16.85
CA ILE D 43 -8.87 6.16 -15.76
C ILE D 43 -8.11 5.81 -14.48
N ASP D 44 -7.10 4.91 -14.59
CA ASP D 44 -6.33 4.53 -13.38
C ASP D 44 -5.50 5.73 -12.85
N GLY D 45 -4.90 6.50 -13.74
CA GLY D 45 -4.15 7.65 -13.29
C GLY D 45 -5.05 8.66 -12.61
N LEU D 46 -6.23 8.90 -13.17
CA LEU D 46 -7.10 9.89 -12.55
C LEU D 46 -7.59 9.43 -11.16
N ALA D 47 -8.03 8.19 -11.07
CA ALA D 47 -8.50 7.68 -9.76
C ALA D 47 -7.38 7.85 -8.72
N LYS D 48 -6.15 7.50 -9.09
CA LYS D 48 -5.09 7.47 -8.08
C LYS D 48 -4.70 8.88 -7.66
N ALA D 49 -5.01 9.85 -8.51
CA ALA D 49 -4.73 11.27 -8.30
C ALA D 49 -5.82 11.95 -7.47
N GLY D 50 -6.86 11.21 -7.09
CA GLY D 50 -7.95 11.76 -6.31
C GLY D 50 -9.08 12.30 -7.19
N ARG D 51 -9.04 11.94 -8.47
CA ARG D 51 -9.86 12.59 -9.46
C ARG D 51 -10.83 11.56 -10.08
N LEU D 52 -11.62 10.92 -9.19
CA LEU D 52 -12.47 9.84 -9.54
C LEU D 52 -13.60 10.30 -10.48
N GLU D 53 -14.13 11.51 -10.23
CA GLU D 53 -15.23 12.02 -11.07
C GLU D 53 -14.76 12.13 -12.52
N GLU D 54 -13.57 12.71 -12.78
CA GLU D 54 -13.14 12.78 -14.20
C GLU D 54 -12.89 11.37 -14.77
N ALA D 55 -12.48 10.45 -13.91
CA ALA D 55 -12.27 9.05 -14.36
C ALA D 55 -13.59 8.40 -14.77
N LEU D 56 -14.65 8.67 -14.00
CA LEU D 56 -15.97 8.20 -14.33
C LEU D 56 -16.46 8.89 -15.61
N GLN D 57 -16.06 10.14 -15.90
CA GLN D 57 -16.48 10.73 -17.19
C GLN D 57 -15.84 9.96 -18.37
N LEU D 58 -14.61 9.49 -18.18
CA LEU D 58 -13.86 8.93 -19.32
C LEU D 58 -14.41 7.53 -19.61
N PHE D 59 -14.90 6.86 -18.56
CA PHE D 59 -15.51 5.55 -18.68
C PHE D 59 -16.76 5.71 -19.54
N GLN D 60 -17.51 6.77 -19.26
CA GLN D 60 -18.75 7.04 -20.04
C GLN D 60 -18.31 7.34 -21.49
N GLU D 61 -17.22 8.12 -21.62
CA GLU D 61 -16.73 8.53 -22.97
C GLU D 61 -16.33 7.32 -23.82
N MET D 62 -15.75 6.29 -23.20
CA MET D 62 -15.25 5.19 -24.04
C MET D 62 -16.45 4.39 -24.55
N LYS D 63 -17.49 4.25 -23.71
CA LYS D 63 -18.71 3.54 -24.16
C LYS D 63 -19.36 4.36 -25.30
N GLU D 64 -19.52 5.69 -25.09
CA GLU D 64 -20.07 6.64 -26.10
C GLU D 64 -19.30 6.42 -27.41
N LYS D 65 -17.97 6.20 -27.28
CA LYS D 65 -17.06 6.10 -28.44
C LYS D 65 -16.96 4.66 -28.98
N GLY D 66 -17.73 3.70 -28.46
CA GLY D 66 -17.63 2.30 -28.98
C GLY D 66 -16.37 1.51 -28.53
N VAL D 67 -15.67 1.96 -27.50
CA VAL D 67 -14.48 1.24 -27.05
C VAL D 67 -14.87 0.42 -25.82
N LYS D 68 -15.08 -0.87 -26.04
CA LYS D 68 -15.68 -1.69 -24.99
C LYS D 68 -14.75 -1.86 -23.79
N PRO D 69 -15.24 -1.52 -22.59
CA PRO D 69 -14.51 -1.79 -21.36
C PRO D 69 -14.12 -3.26 -21.26
N SER D 70 -12.88 -3.53 -20.79
CA SER D 70 -12.32 -4.90 -20.64
C SER D 70 -12.31 -5.26 -19.16
N VAL D 71 -11.83 -6.45 -18.77
CA VAL D 71 -11.78 -6.84 -17.38
C VAL D 71 -10.86 -5.85 -16.61
N VAL D 72 -9.81 -5.35 -17.29
CA VAL D 72 -8.90 -4.40 -16.65
C VAL D 72 -9.59 -3.06 -16.40
N THR D 73 -10.41 -2.61 -17.36
CA THR D 73 -11.25 -1.44 -17.12
C THR D 73 -12.09 -1.59 -15.85
N TYR D 74 -12.79 -2.70 -15.75
CA TYR D 74 -13.62 -2.92 -14.58
C TYR D 74 -12.72 -3.13 -13.33
N ASN D 75 -11.60 -3.82 -13.47
CA ASN D 75 -10.75 -3.98 -12.25
C ASN D 75 -10.35 -2.60 -11.75
N THR D 76 -9.93 -1.74 -12.68
CA THR D 76 -9.34 -0.45 -12.30
C THR D 76 -10.36 0.45 -11.62
N LEU D 77 -11.59 0.42 -12.13
CA LEU D 77 -12.70 1.25 -11.58
C LEU D 77 -13.16 0.75 -10.22
N ILE D 78 -13.24 -0.57 -10.11
CA ILE D 78 -13.68 -1.19 -8.85
C ILE D 78 -12.71 -0.80 -7.71
N ASP D 79 -11.41 -0.87 -8.01
CA ASP D 79 -10.34 -0.59 -7.02
C ASP D 79 -10.36 0.90 -6.63
N GLY D 80 -10.55 1.75 -7.63
CA GLY D 80 -10.67 3.20 -7.40
C GLY D 80 -11.90 3.53 -6.57
N LEU D 81 -13.07 3.00 -6.93
CA LEU D 81 -14.27 3.26 -6.08
C LEU D 81 -14.07 2.75 -4.65
N ALA D 82 -13.54 1.53 -4.53
CA ALA D 82 -13.34 0.94 -3.21
C ALA D 82 -12.42 1.82 -2.36
N LYS D 83 -11.34 2.33 -2.93
CA LYS D 83 -10.40 3.02 -2.12
C LYS D 83 -10.98 4.38 -1.75
N ALA D 84 -11.88 4.90 -2.54
CA ALA D 84 -12.40 6.22 -2.29
C ALA D 84 -13.63 6.09 -1.40
N GLY D 85 -13.81 4.91 -0.81
CA GLY D 85 -14.90 4.69 0.12
C GLY D 85 -16.25 4.46 -0.56
N ARG D 86 -16.24 4.11 -1.85
CA ARG D 86 -17.51 3.93 -2.54
C ARG D 86 -17.72 2.45 -2.90
N LEU D 87 -17.83 1.62 -1.86
CA LEU D 87 -17.76 0.19 -2.04
C LEU D 87 -19.04 -0.33 -2.72
N GLU D 88 -20.15 0.36 -2.50
CA GLU D 88 -21.42 -0.17 -2.95
C GLU D 88 -21.45 -0.04 -4.47
N GLU D 89 -20.96 1.09 -4.98
CA GLU D 89 -20.88 1.26 -6.43
C GLU D 89 -19.88 0.27 -7.04
N ALA D 90 -18.77 0.01 -6.34
CA ALA D 90 -17.81 -0.99 -6.85
C ALA D 90 -18.52 -2.35 -6.97
N LEU D 91 -19.32 -2.70 -5.96
CA LEU D 91 -20.01 -4.04 -5.96
C LEU D 91 -21.01 -4.12 -7.12
N GLN D 92 -21.59 -2.96 -7.48
CA GLN D 92 -22.55 -2.90 -8.56
C GLN D 92 -21.82 -2.99 -9.90
N LEU D 93 -20.58 -2.48 -10.00
CA LEU D 93 -19.85 -2.65 -11.25
C LEU D 93 -19.50 -4.13 -11.41
N PHE D 94 -19.19 -4.80 -10.32
CA PHE D 94 -18.83 -6.23 -10.41
C PHE D 94 -20.04 -7.04 -10.92
N GLN D 95 -21.23 -6.70 -10.42
CA GLN D 95 -22.48 -7.31 -10.94
C GLN D 95 -22.55 -6.96 -12.44
N GLU D 96 -22.35 -5.68 -12.78
CA GLU D 96 -22.55 -5.24 -14.17
C GLU D 96 -21.57 -5.97 -15.10
N MET D 97 -20.33 -6.23 -14.67
CA MET D 97 -19.41 -6.87 -15.59
C MET D 97 -19.87 -8.32 -15.87
N LYS D 98 -20.36 -9.03 -14.85
CA LYS D 98 -20.76 -10.42 -14.99
C LYS D 98 -21.96 -10.48 -15.96
N GLU D 99 -22.92 -9.54 -15.77
CA GLU D 99 -24.16 -9.38 -16.59
C GLU D 99 -23.80 -9.12 -18.06
N LYS D 100 -22.59 -8.58 -18.29
CA LYS D 100 -22.16 -8.21 -19.65
C LYS D 100 -21.19 -9.26 -20.18
N GLY D 101 -20.95 -10.33 -19.43
CA GLY D 101 -20.10 -11.37 -19.96
C GLY D 101 -18.61 -10.95 -19.94
N VAL D 102 -18.23 -9.96 -19.10
CA VAL D 102 -16.82 -9.70 -18.85
C VAL D 102 -16.40 -10.47 -17.59
N LYS D 103 -15.77 -11.64 -17.83
CA LYS D 103 -15.39 -12.64 -16.76
C LYS D 103 -14.41 -11.98 -15.78
N PRO D 104 -14.79 -11.83 -14.49
CA PRO D 104 -13.83 -11.52 -13.43
C PRO D 104 -12.59 -12.42 -13.55
N SER D 105 -11.41 -11.80 -13.36
CA SER D 105 -10.14 -12.49 -13.26
C SER D 105 -9.82 -12.63 -11.77
N VAL D 106 -8.62 -13.15 -11.46
CA VAL D 106 -8.16 -13.25 -10.09
C VAL D 106 -7.92 -11.84 -9.51
N VAL D 107 -7.50 -10.90 -10.37
CA VAL D 107 -7.33 -9.49 -9.89
C VAL D 107 -8.68 -8.89 -9.46
N THR D 108 -9.75 -9.18 -10.23
CA THR D 108 -11.08 -8.77 -9.86
C THR D 108 -11.39 -9.22 -8.42
N TYR D 109 -11.31 -10.53 -8.19
CA TYR D 109 -11.56 -11.08 -6.85
C TYR D 109 -10.57 -10.47 -5.83
N ASN D 110 -9.29 -10.42 -6.21
CA ASN D 110 -8.31 -9.88 -5.24
C ASN D 110 -8.71 -8.46 -4.80
N THR D 111 -9.04 -7.60 -5.78
CA THR D 111 -9.36 -6.19 -5.50
C THR D 111 -10.54 -6.04 -4.55
N LEU D 112 -11.58 -6.84 -4.79
CA LEU D 112 -12.81 -6.75 -4.06
C LEU D 112 -12.60 -7.27 -2.63
N ILE D 113 -11.94 -8.40 -2.52
CA ILE D 113 -11.66 -8.98 -1.20
C ILE D 113 -10.92 -7.95 -0.34
N ASP D 114 -9.93 -7.27 -0.94
CA ASP D 114 -9.17 -6.27 -0.20
C ASP D 114 -10.11 -5.13 0.20
N GLY D 115 -10.95 -4.69 -0.73
CA GLY D 115 -11.80 -3.52 -0.42
C GLY D 115 -12.83 -3.90 0.66
N LEU D 116 -13.32 -5.13 0.61
CA LEU D 116 -14.30 -5.58 1.61
C LEU D 116 -13.64 -5.73 2.98
N ALA D 117 -12.45 -6.34 3.00
CA ALA D 117 -11.74 -6.54 4.30
C ALA D 117 -11.49 -5.18 4.97
N LYS D 118 -11.04 -4.21 4.17
CA LYS D 118 -10.63 -2.95 4.72
C LYS D 118 -11.86 -2.16 5.18
N ALA D 119 -13.03 -2.55 4.70
CA ALA D 119 -14.26 -1.84 5.07
C ALA D 119 -14.94 -2.49 6.27
N GLY D 120 -14.36 -3.59 6.78
CA GLY D 120 -14.81 -4.32 7.95
C GLY D 120 -15.65 -5.53 7.58
N ARG D 121 -15.81 -5.79 6.28
CA ARG D 121 -16.77 -6.79 5.84
C ARG D 121 -16.02 -8.08 5.50
N LEU D 122 -15.35 -8.58 6.55
CA LEU D 122 -14.50 -9.70 6.32
C LEU D 122 -15.28 -10.98 5.93
N GLU D 123 -16.55 -11.09 6.33
CA GLU D 123 -17.26 -12.40 6.11
C GLU D 123 -17.65 -12.54 4.61
N GLU D 124 -18.00 -11.34 4.08
CA GLU D 124 -18.26 -11.19 2.64
C GLU D 124 -16.99 -11.49 1.84
N ALA D 125 -15.85 -10.96 2.32
CA ALA D 125 -14.59 -11.20 1.66
C ALA D 125 -14.34 -12.71 1.58
N LEU D 126 -14.56 -13.38 2.72
CA LEU D 126 -14.33 -14.81 2.78
C LEU D 126 -15.32 -15.54 1.87
N GLN D 127 -16.53 -15.01 1.76
CA GLN D 127 -17.51 -15.61 0.81
C GLN D 127 -16.94 -15.56 -0.61
N LEU D 128 -16.39 -14.40 -1.01
CA LEU D 128 -15.88 -14.26 -2.38
C LEU D 128 -14.73 -15.24 -2.62
N PHE D 129 -13.92 -15.46 -1.58
CA PHE D 129 -12.81 -16.38 -1.59
C PHE D 129 -13.31 -17.80 -1.91
N GLN D 130 -14.38 -18.17 -1.20
CA GLN D 130 -15.11 -19.40 -1.47
C GLN D 130 -15.55 -19.38 -2.94
N GLU D 131 -16.22 -18.28 -3.30
CA GLU D 131 -16.87 -18.15 -4.62
C GLU D 131 -15.87 -18.27 -5.78
N MET D 132 -14.68 -17.65 -5.65
CA MET D 132 -13.73 -17.70 -6.75
C MET D 132 -13.25 -19.15 -6.90
N LYS D 133 -13.27 -19.88 -5.77
CA LYS D 133 -12.85 -21.29 -5.74
C LYS D 133 -13.89 -22.14 -6.48
N GLU D 134 -15.18 -21.93 -6.17
CA GLU D 134 -16.26 -22.68 -6.82
C GLU D 134 -16.34 -22.27 -8.30
N LYS D 135 -15.82 -21.08 -8.65
CA LYS D 135 -15.91 -20.59 -10.03
C LYS D 135 -14.66 -20.99 -10.81
N GLY D 136 -13.71 -21.67 -10.15
CA GLY D 136 -12.47 -22.14 -10.80
C GLY D 136 -11.45 -21.03 -11.06
N VAL D 137 -11.57 -19.90 -10.36
CA VAL D 137 -10.56 -18.85 -10.45
C VAL D 137 -9.58 -19.00 -9.26
N LYS D 138 -8.39 -19.55 -9.56
CA LYS D 138 -7.46 -19.99 -8.55
C LYS D 138 -6.82 -18.84 -7.77
N PRO D 139 -6.95 -18.85 -6.42
CA PRO D 139 -6.24 -17.88 -5.60
C PRO D 139 -4.77 -17.88 -6.00
N SER D 140 -4.16 -16.69 -5.96
CA SER D 140 -2.72 -16.43 -6.26
C SER D 140 -2.01 -16.04 -4.95
N VAL D 141 -0.74 -15.65 -5.00
CA VAL D 141 -0.04 -15.34 -3.73
C VAL D 141 -0.66 -14.04 -3.14
N VAL D 142 -1.20 -13.23 -4.05
CA VAL D 142 -1.79 -12.00 -3.67
C VAL D 142 -3.12 -12.23 -2.97
N THR D 143 -3.94 -13.16 -3.46
CA THR D 143 -5.24 -13.46 -2.75
C THR D 143 -4.91 -13.78 -1.28
N TYR D 144 -3.96 -14.71 -1.12
CA TYR D 144 -3.61 -15.23 0.23
C TYR D 144 -3.10 -14.07 1.08
N ASN D 145 -2.20 -13.28 0.49
CA ASN D 145 -1.61 -12.16 1.26
C ASN D 145 -2.72 -11.23 1.71
N THR D 146 -3.71 -11.01 0.82
CA THR D 146 -4.74 -10.00 1.10
C THR D 146 -5.57 -10.46 2.30
N LEU D 147 -5.87 -11.75 2.28
CA LEU D 147 -6.75 -12.30 3.30
C LEU D 147 -6.00 -12.44 4.65
N ILE D 148 -4.78 -12.94 4.59
CA ILE D 148 -3.96 -13.05 5.77
C ILE D 148 -3.89 -11.68 6.46
N ASP D 149 -3.75 -10.58 5.69
CA ASP D 149 -3.63 -9.23 6.29
C ASP D 149 -4.96 -8.79 6.91
N GLY D 150 -6.06 -9.10 6.20
CA GLY D 150 -7.38 -8.64 6.60
C GLY D 150 -7.79 -9.32 7.89
N LEU D 151 -7.47 -10.61 7.98
CA LEU D 151 -7.79 -11.40 9.15
C LEU D 151 -7.03 -10.90 10.39
N ALA D 152 -5.71 -10.74 10.23
CA ALA D 152 -4.84 -10.33 11.33
C ALA D 152 -5.36 -9.01 11.85
N LYS D 153 -5.61 -8.07 10.92
CA LYS D 153 -5.97 -6.77 11.37
C LYS D 153 -7.35 -6.77 12.06
N ALA D 154 -8.17 -7.79 11.78
CA ALA D 154 -9.47 -7.91 12.43
C ALA D 154 -9.33 -8.67 13.74
N GLY D 155 -8.09 -8.98 14.11
CA GLY D 155 -7.80 -9.67 15.35
C GLY D 155 -8.13 -11.14 15.24
N ARG D 156 -8.20 -11.63 14.00
CA ARG D 156 -8.45 -13.02 13.74
C ARG D 156 -7.15 -13.69 13.28
N LEU D 157 -6.10 -13.57 14.11
CA LEU D 157 -4.76 -14.04 13.69
C LEU D 157 -4.69 -15.57 13.55
N GLU D 158 -5.53 -16.30 14.29
CA GLU D 158 -5.45 -17.78 14.21
C GLU D 158 -5.85 -18.31 12.77
N GLU D 159 -6.99 -17.70 12.27
CA GLU D 159 -7.42 -17.98 10.89
C GLU D 159 -6.30 -17.60 9.91
N ALA D 160 -5.80 -16.38 10.10
CA ALA D 160 -4.70 -15.89 9.28
C ALA D 160 -3.58 -16.93 9.17
N LEU D 161 -3.19 -17.53 10.32
CA LEU D 161 -2.14 -18.55 10.29
C LEU D 161 -2.65 -19.86 9.68
N GLN D 162 -3.94 -20.18 9.86
CA GLN D 162 -4.45 -21.41 9.21
C GLN D 162 -4.23 -21.24 7.70
N LEU D 163 -4.66 -20.07 7.23
CA LEU D 163 -4.65 -19.72 5.81
C LEU D 163 -3.22 -19.79 5.26
N PHE D 164 -2.19 -19.47 6.07
CA PHE D 164 -0.77 -19.51 5.64
C PHE D 164 -0.37 -20.98 5.44
N GLU D 165 -1.10 -21.81 6.19
CA GLU D 165 -0.97 -23.25 6.15
C GLU D 165 -1.51 -23.73 4.78
N GLU D 166 -2.84 -23.44 4.61
CA GLU D 166 -3.58 -23.82 3.37
C GLU D 166 -2.70 -23.47 2.17
N MET D 167 -2.08 -22.28 2.23
CA MET D 167 -1.36 -21.63 1.11
C MET D 167 -0.19 -22.52 0.71
N LYS D 168 0.67 -22.80 1.69
CA LYS D 168 1.89 -23.59 1.50
C LYS D 168 1.49 -24.99 0.98
N GLU D 169 0.33 -25.49 1.41
CA GLU D 169 -0.13 -26.83 1.06
C GLU D 169 -0.69 -26.90 -0.37
N LYS D 170 -1.11 -25.77 -0.95
CA LYS D 170 -1.60 -25.78 -2.34
C LYS D 170 -0.51 -25.25 -3.27
N GLY D 171 0.73 -25.17 -2.76
CA GLY D 171 1.87 -24.85 -3.59
C GLY D 171 1.96 -23.38 -3.93
N VAL D 172 1.25 -22.52 -3.20
CA VAL D 172 1.41 -21.09 -3.39
C VAL D 172 2.56 -20.58 -2.50
N LYS D 173 3.70 -20.27 -3.12
CA LYS D 173 4.93 -19.96 -2.39
C LYS D 173 4.87 -18.56 -1.79
N PRO D 174 4.86 -18.41 -0.45
CA PRO D 174 4.90 -17.09 0.18
C PRO D 174 6.01 -16.23 -0.42
N SER D 175 5.73 -14.92 -0.56
CA SER D 175 6.71 -13.96 -1.07
C SER D 175 7.18 -13.07 0.08
N VAL D 176 7.87 -11.98 -0.25
CA VAL D 176 8.35 -11.15 0.81
C VAL D 176 7.16 -10.46 1.50
N VAL D 177 6.07 -10.32 0.75
CA VAL D 177 4.90 -9.66 1.25
C VAL D 177 4.18 -10.54 2.27
N THR D 178 4.00 -11.83 1.95
CA THR D 178 3.43 -12.79 2.92
C THR D 178 4.16 -12.74 4.28
N TYR D 179 5.50 -12.89 4.23
CA TYR D 179 6.29 -12.89 5.45
C TYR D 179 6.13 -11.53 6.15
N ASN D 180 6.24 -10.43 5.39
CA ASN D 180 6.14 -9.13 5.99
C ASN D 180 4.80 -8.99 6.70
N THR D 181 3.71 -9.41 6.04
CA THR D 181 2.37 -9.26 6.64
C THR D 181 2.21 -10.05 7.95
N LEU D 182 2.64 -11.29 7.93
CA LEU D 182 2.53 -12.23 9.10
C LEU D 182 3.46 -11.75 10.22
N ILE D 183 4.67 -11.31 9.87
CA ILE D 183 5.58 -10.70 10.89
C ILE D 183 4.89 -9.55 11.64
N ASP D 184 4.29 -8.62 10.89
CA ASP D 184 3.61 -7.48 11.51
C ASP D 184 2.43 -7.95 12.38
N GLY D 185 1.72 -8.97 11.93
CA GLY D 185 0.50 -9.34 12.59
C GLY D 185 0.82 -10.01 13.92
N LEU D 186 1.89 -10.81 13.89
CA LEU D 186 2.40 -11.51 15.09
C LEU D 186 2.94 -10.49 16.10
N ALA D 187 3.76 -9.57 15.58
CA ALA D 187 4.37 -8.54 16.45
C ALA D 187 3.26 -7.75 17.14
N LYS D 188 2.27 -7.31 16.36
CA LYS D 188 1.24 -6.44 16.93
C LYS D 188 0.38 -7.24 17.92
N ALA D 189 0.34 -8.56 17.77
CA ALA D 189 -0.42 -9.38 18.72
C ALA D 189 0.45 -9.79 19.92
N GLY D 190 1.66 -9.24 20.04
CA GLY D 190 2.47 -9.57 21.18
C GLY D 190 3.16 -10.93 21.06
N ARG D 191 3.32 -11.42 19.83
CA ARG D 191 4.02 -12.66 19.55
C ARG D 191 5.33 -12.36 18.81
N LEU D 192 6.20 -11.55 19.44
CA LEU D 192 7.39 -11.05 18.83
C LEU D 192 8.40 -12.18 18.54
N GLU D 193 8.49 -13.17 19.43
CA GLU D 193 9.43 -14.33 19.24
C GLU D 193 9.11 -15.13 17.98
N GLU D 194 7.82 -15.38 17.73
CA GLU D 194 7.41 -16.07 16.49
C GLU D 194 7.69 -15.15 15.30
N ALA D 195 7.52 -13.84 15.48
CA ALA D 195 7.80 -13.01 14.34
C ALA D 195 9.30 -13.07 14.00
N LEU D 196 10.16 -13.03 15.00
CA LEU D 196 11.64 -13.08 14.75
C LEU D 196 12.09 -14.45 14.21
N GLN D 197 11.32 -15.50 14.49
CA GLN D 197 11.60 -16.87 13.95
C GLN D 197 11.18 -16.89 12.49
N LEU D 198 10.10 -16.16 12.18
CA LEU D 198 9.70 -16.07 10.78
C LEU D 198 10.71 -15.24 10.02
N PHE D 199 11.24 -14.21 10.63
CA PHE D 199 12.33 -13.48 10.00
C PHE D 199 13.51 -14.42 9.63
N GLN D 200 13.82 -15.38 10.52
CA GLN D 200 14.96 -16.26 10.31
C GLN D 200 14.59 -17.21 9.18
N GLU D 201 13.34 -17.68 9.18
CA GLU D 201 12.90 -18.65 8.23
C GLU D 201 12.89 -18.11 6.79
N MET D 202 12.40 -16.87 6.59
CA MET D 202 12.35 -16.32 5.23
C MET D 202 13.79 -16.21 4.71
N LYS D 203 14.78 -15.96 5.60
CA LYS D 203 16.17 -15.85 5.14
C LYS D 203 16.66 -17.25 4.71
N GLU D 204 16.36 -18.27 5.52
CA GLU D 204 16.65 -19.66 5.13
C GLU D 204 16.01 -20.02 3.77
N LYS D 205 14.74 -19.67 3.52
CA LYS D 205 14.02 -19.95 2.26
C LYS D 205 14.53 -19.07 1.11
N GLY D 206 15.54 -18.25 1.34
CA GLY D 206 16.09 -17.37 0.32
C GLY D 206 15.12 -16.28 -0.12
N VAL D 207 14.18 -15.89 0.75
CA VAL D 207 13.21 -14.79 0.50
C VAL D 207 13.76 -13.57 1.23
N LYS D 208 14.42 -12.69 0.47
CA LYS D 208 15.24 -11.59 0.98
C LYS D 208 14.38 -10.52 1.66
N PRO D 209 14.64 -10.21 2.94
CA PRO D 209 14.01 -9.08 3.60
C PRO D 209 14.17 -7.81 2.75
N SER D 210 13.10 -7.02 2.68
CA SER D 210 13.08 -5.74 2.01
C SER D 210 13.04 -4.64 3.09
N VAL D 211 12.90 -3.37 2.67
CA VAL D 211 12.90 -2.30 3.65
C VAL D 211 11.71 -2.47 4.60
N VAL D 212 10.59 -2.94 4.04
CA VAL D 212 9.31 -3.10 4.75
C VAL D 212 9.54 -4.12 5.84
N THR D 213 10.28 -5.19 5.52
CA THR D 213 10.56 -6.20 6.50
C THR D 213 11.28 -5.57 7.70
N TYR D 214 12.42 -4.91 7.44
CA TYR D 214 13.17 -4.30 8.51
C TYR D 214 12.31 -3.24 9.25
N ASN D 215 11.51 -2.47 8.51
CA ASN D 215 10.77 -1.36 9.14
C ASN D 215 9.80 -1.95 10.18
N THR D 216 9.15 -3.05 9.79
CA THR D 216 8.17 -3.73 10.54
C THR D 216 8.77 -4.30 11.84
N LEU D 217 9.96 -4.89 11.77
CA LEU D 217 10.55 -5.51 12.98
C LEU D 217 11.13 -4.43 13.89
N ILE D 218 11.67 -3.37 13.26
CA ILE D 218 12.20 -2.25 13.99
C ILE D 218 11.10 -1.66 14.86
N ASP D 219 9.92 -1.47 14.27
CA ASP D 219 8.77 -0.88 15.00
C ASP D 219 8.33 -1.84 16.12
N GLY D 220 8.27 -3.12 15.75
CA GLY D 220 7.83 -4.19 16.65
C GLY D 220 8.76 -4.30 17.83
N LEU D 221 10.08 -4.19 17.59
CA LEU D 221 11.04 -4.26 18.70
C LEU D 221 10.94 -2.99 19.56
N ALA D 222 10.79 -1.83 18.91
CA ALA D 222 10.76 -0.57 19.66
C ALA D 222 9.60 -0.59 20.66
N LYS D 223 8.44 -1.04 20.18
CA LYS D 223 7.24 -0.90 20.94
C LYS D 223 7.24 -1.95 22.06
N ALA D 224 8.09 -2.95 21.91
CA ALA D 224 8.18 -3.99 22.93
C ALA D 224 9.26 -3.64 23.96
N GLY D 225 9.89 -2.47 23.80
CA GLY D 225 10.89 -1.98 24.73
C GLY D 225 12.27 -2.55 24.47
N ARG D 226 12.48 -3.09 23.27
CA ARG D 226 13.74 -3.61 22.85
C ARG D 226 14.45 -2.66 21.86
N LEU D 227 14.67 -1.43 22.31
CA LEU D 227 15.22 -0.40 21.45
C LEU D 227 16.63 -0.71 20.94
N GLU D 228 17.40 -1.44 21.76
CA GLU D 228 18.80 -1.71 21.39
C GLU D 228 18.83 -2.63 20.17
N GLU D 229 17.97 -3.65 20.21
CA GLU D 229 17.91 -4.57 19.06
C GLU D 229 17.43 -3.79 17.83
N ALA D 230 16.36 -3.01 18.03
CA ALA D 230 15.85 -2.18 16.91
C ALA D 230 17.02 -1.37 16.32
N LEU D 231 17.86 -0.76 17.18
CA LEU D 231 18.94 0.10 16.59
C LEU D 231 19.94 -0.82 15.90
N GLN D 232 20.03 -2.05 16.40
CA GLN D 232 20.92 -3.07 15.76
C GLN D 232 20.46 -3.37 14.32
N LEU D 233 19.15 -3.53 14.12
CA LEU D 233 18.60 -3.91 12.82
C LEU D 233 18.77 -2.74 11.85
N PHE D 234 18.63 -1.52 12.37
CA PHE D 234 18.89 -0.29 11.61
C PHE D 234 20.30 -0.34 11.02
N GLU D 235 21.32 -0.52 11.88
CA GLU D 235 22.70 -0.59 11.40
C GLU D 235 22.77 -1.76 10.40
N GLU D 236 22.20 -2.91 10.82
CA GLU D 236 22.30 -4.12 9.97
C GLU D 236 21.79 -3.83 8.55
N MET D 237 20.54 -3.34 8.41
CA MET D 237 19.97 -3.22 7.07
C MET D 237 20.84 -2.27 6.25
N LYS D 238 21.47 -1.26 6.87
CA LYS D 238 22.33 -0.39 6.09
C LYS D 238 23.53 -1.21 5.58
N GLU D 239 24.12 -2.02 6.46
CA GLU D 239 25.30 -2.85 6.15
C GLU D 239 25.00 -3.86 5.04
N LYS D 240 23.72 -4.06 4.74
CA LYS D 240 23.26 -5.11 3.84
C LYS D 240 22.70 -4.44 2.58
N GLY D 241 22.95 -3.14 2.45
CA GLY D 241 22.53 -2.38 1.27
C GLY D 241 21.02 -2.27 1.14
N VAL D 242 20.25 -2.45 2.24
CA VAL D 242 18.78 -2.13 2.28
C VAL D 242 18.59 -0.73 2.90
N LYS D 243 18.30 0.25 2.02
CA LYS D 243 18.38 1.69 2.39
C LYS D 243 17.25 2.04 3.35
N PRO D 244 17.53 2.62 4.51
CA PRO D 244 16.44 3.19 5.29
C PRO D 244 15.61 4.12 4.42
N SER D 245 14.30 4.07 4.64
CA SER D 245 13.33 4.87 3.98
C SER D 245 12.86 5.96 4.96
N VAL D 246 11.86 6.75 4.57
CA VAL D 246 11.39 7.81 5.46
C VAL D 246 10.64 7.11 6.61
N VAL D 247 10.05 5.98 6.28
CA VAL D 247 9.26 5.28 7.28
C VAL D 247 10.20 4.71 8.34
N THR D 248 11.33 4.16 7.89
CA THR D 248 12.34 3.62 8.78
C THR D 248 12.78 4.68 9.79
N TYR D 249 13.19 5.87 9.29
CA TYR D 249 13.58 6.94 10.19
C TYR D 249 12.42 7.33 11.14
N ASN D 250 11.23 7.52 10.56
CA ASN D 250 10.08 7.96 11.37
C ASN D 250 9.84 6.99 12.53
N THR D 251 9.89 5.69 12.20
CA THR D 251 9.64 4.65 13.19
C THR D 251 10.64 4.74 14.34
N LEU D 252 11.90 4.94 13.99
CA LEU D 252 12.97 5.00 14.98
C LEU D 252 12.94 6.31 15.81
N ILE D 253 12.65 7.41 15.15
CA ILE D 253 12.44 8.67 15.86
C ILE D 253 11.34 8.52 16.90
N ASP D 254 10.21 7.93 16.48
CA ASP D 254 9.12 7.79 17.41
C ASP D 254 9.55 6.87 18.57
N GLY D 255 10.21 5.77 18.29
CA GLY D 255 10.59 4.84 19.45
C GLY D 255 11.63 5.45 20.40
N LEU D 256 12.62 6.14 19.85
CA LEU D 256 13.57 6.89 20.65
C LEU D 256 12.83 7.91 21.54
N ALA D 257 11.92 8.67 20.96
CA ALA D 257 11.22 9.73 21.74
C ALA D 257 10.37 9.14 22.88
N LYS D 258 9.59 8.10 22.62
CA LYS D 258 8.73 7.54 23.66
C LYS D 258 9.58 6.88 24.75
N ALA D 259 10.81 6.54 24.40
CA ALA D 259 11.75 5.86 25.34
C ALA D 259 12.52 6.91 26.17
N GLY D 260 12.21 8.19 25.97
CA GLY D 260 12.89 9.18 26.76
C GLY D 260 14.16 9.67 26.08
N ARG D 261 14.44 9.21 24.85
CA ARG D 261 15.74 9.41 24.23
C ARG D 261 15.65 10.41 23.08
N LEU D 262 15.21 11.61 23.40
CA LEU D 262 14.87 12.66 22.44
C LEU D 262 16.08 13.25 21.72
N GLU D 263 17.23 13.36 22.40
CA GLU D 263 18.35 13.96 21.66
C GLU D 263 18.77 12.94 20.60
N GLU D 264 18.59 11.65 20.85
CA GLU D 264 18.96 10.71 19.76
C GLU D 264 18.00 10.86 18.56
N ALA D 265 16.74 11.05 18.90
CA ALA D 265 15.73 11.16 17.91
C ALA D 265 16.01 12.40 17.07
N LEU D 266 16.32 13.54 17.73
CA LEU D 266 16.61 14.80 17.00
C LEU D 266 17.88 14.63 16.15
N GLN D 267 18.80 13.80 16.62
CA GLN D 267 19.97 13.43 15.80
C GLN D 267 19.54 12.78 14.48
N LEU D 268 18.59 11.84 14.53
CA LEU D 268 18.23 11.07 13.33
C LEU D 268 17.49 12.01 12.35
N PHE D 269 16.76 12.97 12.92
CA PHE D 269 16.04 13.90 12.10
C PHE D 269 17.04 14.66 11.23
N GLU D 270 18.13 15.10 11.87
CA GLU D 270 19.27 15.74 11.21
C GLU D 270 19.82 14.83 10.13
N GLU D 271 20.24 13.64 10.61
CA GLU D 271 20.88 12.59 9.80
C GLU D 271 20.07 12.33 8.53
N MET D 272 18.72 12.26 8.63
CA MET D 272 17.94 11.84 7.45
C MET D 272 17.93 13.03 6.49
N LYS D 273 18.00 14.22 7.09
CA LYS D 273 18.07 15.40 6.28
C LYS D 273 19.39 15.34 5.49
N GLU D 274 20.51 15.22 6.19
CA GLU D 274 21.83 15.08 5.55
C GLU D 274 21.72 14.09 4.38
N LYS D 275 21.05 12.94 4.60
CA LYS D 275 21.15 11.83 3.66
C LYS D 275 20.08 11.91 2.57
N GLY D 276 19.45 13.10 2.45
CA GLY D 276 18.47 13.42 1.41
C GLY D 276 17.16 12.63 1.53
N VAL D 277 16.83 12.15 2.74
CA VAL D 277 15.53 11.47 2.94
C VAL D 277 14.58 12.50 3.56
N LYS D 278 13.66 13.04 2.77
CA LYS D 278 12.95 14.27 3.18
C LYS D 278 11.90 13.92 4.22
N PRO D 279 11.91 14.58 5.39
CA PRO D 279 10.84 14.42 6.37
C PRO D 279 9.48 14.52 5.67
N SER D 280 8.53 13.73 6.16
CA SER D 280 7.20 13.69 5.64
C SER D 280 6.30 14.32 6.70
N VAL D 281 4.99 14.37 6.47
CA VAL D 281 4.11 14.92 7.52
C VAL D 281 4.16 14.05 8.79
N VAL D 282 4.47 12.76 8.66
CA VAL D 282 4.49 11.87 9.82
C VAL D 282 5.77 12.14 10.64
N THR D 283 6.83 12.46 9.92
CA THR D 283 8.08 12.85 10.59
C THR D 283 7.88 14.01 11.55
N TYR D 284 7.36 15.09 11.00
CA TYR D 284 7.13 16.30 11.78
C TYR D 284 6.17 15.99 12.93
N ASN D 285 5.11 15.25 12.63
CA ASN D 285 4.05 15.04 13.64
C ASN D 285 4.64 14.31 14.83
N THR D 286 5.50 13.33 14.55
CA THR D 286 6.16 12.49 15.56
C THR D 286 7.08 13.33 16.43
N LEU D 287 7.80 14.25 15.80
CA LEU D 287 8.77 15.06 16.51
C LEU D 287 8.06 16.08 17.36
N ILE D 288 7.04 16.70 16.76
CA ILE D 288 6.24 17.65 17.50
C ILE D 288 5.64 17.01 18.76
N ASP D 289 5.05 15.82 18.62
CA ASP D 289 4.48 15.12 19.79
C ASP D 289 5.59 14.82 20.84
N GLY D 290 6.73 14.34 20.38
CA GLY D 290 7.79 14.00 21.32
C GLY D 290 8.28 15.22 22.07
N LEU D 291 8.51 16.31 21.33
CA LEU D 291 8.95 17.55 21.97
C LEU D 291 7.92 18.07 22.97
N ALA D 292 6.65 18.13 22.56
CA ALA D 292 5.59 18.57 23.46
C ALA D 292 5.56 17.72 24.74
N LYS D 293 5.63 16.39 24.59
CA LYS D 293 5.51 15.52 25.76
C LYS D 293 6.73 15.71 26.68
N ALA D 294 7.84 16.18 26.13
CA ALA D 294 9.06 16.39 26.95
C ALA D 294 9.11 17.82 27.50
N GLY D 295 8.02 18.56 27.34
CA GLY D 295 7.92 19.89 27.85
C GLY D 295 8.67 20.90 27.00
N ARG D 296 8.97 20.54 25.75
CA ARG D 296 9.65 21.42 24.80
C ARG D 296 8.65 21.94 23.75
N LEU D 297 7.64 22.65 24.22
CA LEU D 297 6.60 23.12 23.38
C LEU D 297 7.07 24.23 22.44
N GLU D 298 7.89 25.16 22.93
CA GLU D 298 8.39 26.23 22.06
C GLU D 298 9.07 25.61 20.85
N GLU D 299 9.84 24.53 21.08
CA GLU D 299 10.51 23.91 19.95
C GLU D 299 9.51 23.16 19.03
N ALA D 300 8.45 22.61 19.61
CA ALA D 300 7.47 21.90 18.80
C ALA D 300 6.76 22.92 17.93
N LEU D 301 6.46 24.10 18.50
CA LEU D 301 5.75 25.19 17.73
C LEU D 301 6.64 25.67 16.57
N GLN D 302 7.94 25.70 16.83
CA GLN D 302 8.90 26.16 15.82
C GLN D 302 8.96 25.13 14.67
N LEU D 303 8.88 23.82 15.00
CA LEU D 303 8.87 22.82 13.94
C LEU D 303 7.57 22.96 13.13
N PHE D 304 6.48 23.29 13.79
CA PHE D 304 5.21 23.40 13.08
C PHE D 304 5.35 24.52 12.01
N GLN D 305 5.94 25.64 12.43
CA GLN D 305 6.28 26.72 11.51
C GLN D 305 7.19 26.18 10.41
N GLU D 306 8.23 25.43 10.74
CA GLU D 306 9.17 24.97 9.70
C GLU D 306 8.46 24.09 8.68
N MET D 307 7.64 23.14 9.14
CA MET D 307 6.98 22.25 8.16
C MET D 307 6.10 23.04 7.15
N LYS D 308 5.40 24.07 7.63
CA LYS D 308 4.55 24.87 6.74
C LYS D 308 5.41 25.65 5.74
N GLU D 309 6.46 26.28 6.25
CA GLU D 309 7.43 27.07 5.45
C GLU D 309 8.01 26.20 4.33
N LYS D 310 8.22 24.89 4.65
CA LYS D 310 8.83 23.99 3.68
C LYS D 310 7.78 23.28 2.84
N GLY D 311 6.50 23.62 3.01
CA GLY D 311 5.45 23.09 2.12
C GLY D 311 4.97 21.70 2.51
N VAL D 312 5.40 21.21 3.67
CA VAL D 312 4.83 19.96 4.17
C VAL D 312 3.56 20.26 4.99
N LYS D 313 2.40 20.08 4.36
CA LYS D 313 1.08 20.45 4.93
C LYS D 313 0.74 19.68 6.21
N PRO D 314 0.43 20.39 7.31
CA PRO D 314 -0.11 19.71 8.48
C PRO D 314 -1.44 18.98 8.21
N SER D 315 -1.55 17.79 8.79
CA SER D 315 -2.71 16.97 8.75
C SER D 315 -3.59 17.25 9.96
#